data_8E3Y
#
_entry.id   8E3Y
#
_cell.length_a   1.00
_cell.length_b   1.00
_cell.length_c   1.00
_cell.angle_alpha   90.00
_cell.angle_beta   90.00
_cell.angle_gamma   90.00
#
_symmetry.space_group_name_H-M   'P 1'
#
loop_
_entity.id
_entity.type
_entity.pdbx_description
1 polymer 'Guanine nucleotide-binding protein G(s) subunit alpha isoforms short'
2 polymer 'Guanine nucleotide-binding protein G(I)/G(S)/G(T) subunit beta-1'
3 polymer 'Guanine nucleotide-binding protein G(I)/G(S)/G(O) subunit gamma-2'
4 polymer 'Nanobody 35'
5 polymer 'Pituitary adenylate cyclase-activating polypeptide'
6 polymer 'Vasoactive intestinal polypeptide receptor 1'
7 water water
#
loop_
_entity_poly.entity_id
_entity_poly.type
_entity_poly.pdbx_seq_one_letter_code
_entity_poly.pdbx_strand_id
1 'polypeptide(L)'
;MGCLGNSKTEDQRNEEKAQREANKKIEKQLQKDKQVYRATHRLLLLGAGESGKNTIVKQMRILHVNGFNGEGGEEDPQAA
RSNSDGEKATKVQDIKNNLKEAIETIVAAMSNLVPPVELANPENQFRVDYILSVMNVPDFDFPPEFYEHAKALWEDEGVR
ACYERSNEYQLIDCAQYFLDKIDVIKQADYVPSDQDLLRCRVLTSGIFETKFQVDKVNFHMFDVGAQRDERRKWIQCFND
VTAIIFVVASSSYNMVIREDNQTNRLQAALKLFDSIWNNKWLRDTSVILFLNKQDLLAEKVLAGKSKIEDYFPEFARYTT
PEDATPEPGEDPRVTRAKYFIRDEFLRISTASGDGRHYCYPHFTCSVDTENIRRVFNDCRDIIQRMHLRQYELL
;
A
2 'polypeptide(L)'
;MHHHHHHGSSGSELDQLRQEAEQLKNQIRDARKACADATLSQITNNIDPVGRIQMRTRRTLRGHLAKIYAMHWGTDSRLL
VSASQDGKLIIWDSYTTNKVHAIPLRSSWVMTCAYAPSGNYVACGGLDNICSIYNLKTREGNVRVSRELAGHTGYLSCCR
FLDDNQIVTSSGDTTCALWDIETGQQTTTFTGHTGDVMSLSLAPDTRLFVSGACDASAKLWDVREGMCRQTFTGHESDIN
AICFFPNGNAFATGSDDATCRLFDLRADQELMTYSHDNIICGITSVSFSKSGRLLLAGYDDFNCNVWDALKADRAGVLAG
HDNRVSCLGVTDDGMAVATGSWDSFLKIWN
;
B
3 'polypeptide(L)' MASNNTASIAQARKLVEQLKMEANIDRIKVSKAAADLMAYCEAHAKEDPLLTPVPASENPFREKKFFCAIL G
4 'polypeptide(L)'
;QVQLQESGGGLVQPGGSLRLSCAASGFTFSNYKMNWVRQAPGKGLEWVSDISQSGASISYTGSVKGRFTISRDNAKNTLY
LQMNSLKPEDTAVYYCARCPAPFTRDCFDVTSTTYAYRGQGTQVTVSSHHHHHHEPEA
;
N
5 'polypeptide(L)' HSDGIFTDSYSRYRKQMAVKKYLAAVL P
6 'polypeptide(L)'
;DYKDDDDLEVLFQGPAARLQEECDYVQMIEVQHKQCLEEAQLENETIGCSKMWDNLTCWPATPRGQVVVLACPLIFKLFS
SIQGRNVSRSCTDEGWTHLEPGPYPIACGLDDKAASLDEQQTMFYGSVKTGYTIGYGLSLATLLVATAILSLFRKLHCTR
NYIHMHLFISFILRAAAVFIKDLALFDSGESDQCSEGSVGCKAAMVFFQYCVMANFFWLLVEGLYLYTLLAVSFFSERKY
FWGYILIGWGVPSTFTMVWTIARIHFEDYGCWDTINSSLWWIIKGPILTSILVNFILFICIIRILLQKLRPPDIRKSDSS
PYSRLARSTLLLIPLFGVHYIMFAFFPDNFKPEVKMVFELVVGSFQGFVVAILYCFLNGEVQAELRRKWRRWHLQGVLGW
NPKYRHPSGGSNGATCSTQVSMLTRVSPGARRSSSFQAEVSLVPAGLEVLFQGPHHHHHHHH
;
R
#
# COMPACT_ATOMS: atom_id res chain seq x y z
N GLN A 12 -37.16 -5.46 -18.76
CA GLN A 12 -36.22 -4.35 -19.10
C GLN A 12 -34.85 -4.94 -19.43
N ARG A 13 -34.81 -6.09 -20.11
CA ARG A 13 -33.53 -6.73 -20.51
C ARG A 13 -32.79 -5.78 -21.46
N ASN A 14 -33.51 -5.17 -22.41
CA ASN A 14 -32.88 -4.25 -23.40
C ASN A 14 -32.31 -3.03 -22.66
N GLU A 15 -33.05 -2.52 -21.66
CA GLU A 15 -32.58 -1.36 -20.87
C GLU A 15 -31.29 -1.75 -20.11
N GLU A 16 -31.27 -2.97 -19.57
CA GLU A 16 -30.07 -3.44 -18.82
C GLU A 16 -28.93 -3.72 -19.80
N LYS A 17 -29.25 -4.21 -21.01
CA LYS A 17 -28.22 -4.43 -22.02
C LYS A 17 -27.53 -3.12 -22.38
N ALA A 18 -28.30 -2.04 -22.50
CA ALA A 18 -27.72 -0.73 -22.78
C ALA A 18 -26.78 -0.30 -21.66
N GLN A 19 -27.18 -0.55 -20.41
CA GLN A 19 -26.31 -0.24 -19.28
C GLN A 19 -25.03 -1.06 -19.32
N ARG A 20 -25.14 -2.35 -19.68
CA ARG A 20 -23.93 -3.18 -19.75
C ARG A 20 -22.97 -2.67 -20.82
N GLU A 21 -23.49 -2.31 -22.00
CA GLU A 21 -22.60 -1.85 -23.06
C GLU A 21 -21.99 -0.48 -22.72
N ALA A 22 -22.78 0.41 -22.11
CA ALA A 22 -22.24 1.68 -21.68
C ALA A 22 -21.16 1.50 -20.62
N ASN A 23 -21.39 0.59 -19.68
CA ASN A 23 -20.39 0.29 -18.67
C ASN A 23 -19.13 -0.29 -19.30
N LYS A 24 -19.28 -1.14 -20.32
CA LYS A 24 -18.12 -1.70 -21.00
C LYS A 24 -17.30 -0.60 -21.68
N LYS A 25 -17.98 0.33 -22.35
CA LYS A 25 -17.27 1.45 -22.98
C LYS A 25 -16.55 2.29 -21.92
N ILE A 26 -17.23 2.57 -20.81
CA ILE A 26 -16.64 3.37 -19.75
C ILE A 26 -15.42 2.67 -19.16
N GLU A 27 -15.50 1.34 -19.00
CA GLU A 27 -14.38 0.60 -18.44
C GLU A 27 -13.20 0.52 -19.41
N LYS A 28 -13.47 0.46 -20.72
CA LYS A 28 -12.37 0.53 -21.68
C LYS A 28 -11.67 1.88 -21.61
N GLN A 29 -12.45 2.96 -21.55
CA GLN A 29 -11.86 4.29 -21.41
C GLN A 29 -11.09 4.41 -20.10
N LEU A 30 -11.63 3.82 -19.02
CA LEU A 30 -10.94 3.85 -17.73
C LEU A 30 -9.66 3.05 -17.75
N GLN A 31 -9.62 1.94 -18.49
CA GLN A 31 -8.39 1.17 -18.63
C GLN A 31 -7.33 1.99 -19.35
N LYS A 32 -7.71 2.67 -20.45
CA LYS A 32 -6.75 3.54 -21.13
C LYS A 32 -6.27 4.64 -20.20
N ASP A 33 -7.18 5.26 -19.46
CA ASP A 33 -6.81 6.34 -18.54
C ASP A 33 -5.90 5.82 -17.43
N LYS A 34 -6.14 4.60 -16.95
CA LYS A 34 -5.28 4.01 -15.94
C LYS A 34 -3.88 3.76 -16.49
N GLN A 35 -3.80 3.28 -17.73
CA GLN A 35 -2.49 3.09 -18.35
C GLN A 35 -1.75 4.41 -18.45
N VAL A 36 -2.45 5.48 -18.82
CA VAL A 36 -1.82 6.80 -18.87
C VAL A 36 -1.41 7.26 -17.47
N TYR A 37 -2.26 7.03 -16.48
CA TYR A 37 -2.06 7.58 -15.14
C TYR A 37 -0.90 6.91 -14.42
N ARG A 38 -0.78 5.59 -14.54
CA ARG A 38 0.28 4.88 -13.81
C ARG A 38 1.67 5.16 -14.38
N ALA A 39 1.75 5.68 -15.60
CA ALA A 39 3.04 5.99 -16.23
C ALA A 39 3.48 7.42 -16.01
N THR A 40 2.72 8.21 -15.25
CA THR A 40 3.04 9.61 -15.00
C THR A 40 3.34 9.82 -13.52
N HIS A 41 4.40 10.58 -13.25
CA HIS A 41 4.84 10.86 -11.89
C HIS A 41 4.44 12.28 -11.51
N ARG A 42 3.79 12.41 -10.35
CA ARG A 42 3.28 13.69 -9.87
C ARG A 42 4.17 14.21 -8.75
N LEU A 43 4.58 15.48 -8.86
CA LEU A 43 5.45 16.12 -7.90
C LEU A 43 4.79 17.39 -7.38
N LEU A 44 4.87 17.61 -6.07
CA LEU A 44 4.34 18.82 -5.46
C LEU A 44 5.49 19.77 -5.17
N LEU A 45 5.45 20.96 -5.77
CA LEU A 45 6.51 21.94 -5.62
C LEU A 45 6.13 22.94 -4.54
N LEU A 46 6.82 22.90 -3.41
CA LEU A 46 6.59 23.78 -2.28
C LEU A 46 7.77 24.71 -2.08
N GLY A 47 7.47 25.95 -1.70
CA GLY A 47 8.51 26.93 -1.45
C GLY A 47 7.97 28.32 -1.23
N ALA A 48 8.77 29.19 -0.63
CA ALA A 48 8.37 30.57 -0.40
C ALA A 48 8.45 31.37 -1.70
N GLY A 49 7.84 32.55 -1.67
CA GLY A 49 7.84 33.41 -2.85
C GLY A 49 9.23 33.89 -3.24
N GLU A 50 10.08 34.17 -2.26
CA GLU A 50 11.43 34.64 -2.49
C GLU A 50 12.45 33.52 -2.44
N SER A 51 12.02 32.27 -2.34
CA SER A 51 12.94 31.15 -2.26
C SER A 51 13.51 30.74 -3.61
N GLY A 52 12.98 31.29 -4.70
CA GLY A 52 13.43 30.93 -6.03
C GLY A 52 12.59 29.87 -6.71
N LYS A 53 11.41 29.56 -6.19
CA LYS A 53 10.56 28.54 -6.80
C LYS A 53 10.09 28.97 -8.18
N ASN A 54 9.69 30.24 -8.33
CA ASN A 54 9.12 30.70 -9.59
C ASN A 54 10.13 30.64 -10.73
N THR A 55 11.37 31.06 -10.49
CA THR A 55 12.39 30.98 -11.52
C THR A 55 12.80 29.54 -11.83
N ILE A 56 12.74 28.63 -10.87
CA ILE A 56 12.94 27.22 -11.18
C ILE A 56 11.81 26.71 -12.07
N VAL A 57 10.57 27.11 -11.80
CA VAL A 57 9.45 26.73 -12.67
C VAL A 57 9.68 27.25 -14.07
N LYS A 58 10.11 28.51 -14.18
CA LYS A 58 10.37 29.09 -15.50
C LYS A 58 11.49 28.36 -16.23
N GLN A 59 12.54 27.97 -15.50
CA GLN A 59 13.64 27.22 -16.13
C GLN A 59 13.16 25.85 -16.60
N MET A 60 12.33 25.18 -15.80
CA MET A 60 11.85 23.84 -16.18
C MET A 60 10.96 23.85 -17.41
N ARG A 61 10.42 25.00 -17.79
CA ARG A 61 9.56 25.08 -18.96
C ARG A 61 10.37 25.31 -20.23
N SER A 205 -5.78 29.74 -11.91
CA SER A 205 -5.05 30.56 -10.96
C SER A 205 -4.93 29.84 -9.61
N GLY A 206 -5.86 28.92 -9.35
CA GLY A 206 -5.83 28.18 -8.10
C GLY A 206 -4.64 27.26 -7.97
N ILE A 207 -4.24 26.62 -9.07
CA ILE A 207 -3.08 25.74 -9.07
C ILE A 207 -2.46 25.79 -10.46
N PHE A 208 -1.13 25.76 -10.50
CA PHE A 208 -0.38 25.88 -11.73
C PHE A 208 0.22 24.53 -12.13
N GLU A 209 0.38 24.34 -13.43
CA GLU A 209 0.82 23.08 -14.00
C GLU A 209 2.12 23.23 -14.78
N THR A 210 2.97 22.22 -14.67
CA THR A 210 4.14 22.07 -15.52
C THR A 210 4.22 20.62 -15.99
N LYS A 211 4.36 20.44 -17.29
CA LYS A 211 4.58 19.13 -17.90
C LYS A 211 5.99 19.08 -18.48
N PHE A 212 6.75 18.06 -18.11
CA PHE A 212 8.06 17.92 -18.74
C PHE A 212 8.46 16.45 -18.84
N GLN A 213 9.09 16.10 -19.95
CA GLN A 213 9.48 14.73 -20.24
C GLN A 213 11.00 14.61 -20.12
N VAL A 214 11.44 13.63 -19.34
CA VAL A 214 12.86 13.37 -19.13
C VAL A 214 13.11 11.91 -19.49
N ASP A 215 13.95 11.67 -20.50
CA ASP A 215 14.25 10.32 -20.96
C ASP A 215 12.98 9.54 -21.27
N LYS A 216 12.04 10.20 -21.97
CA LYS A 216 10.75 9.62 -22.34
C LYS A 216 9.94 9.21 -21.11
N VAL A 217 10.12 9.92 -20.00
CA VAL A 217 9.34 9.70 -18.78
C VAL A 217 8.63 11.00 -18.45
N ASN A 218 7.30 10.93 -18.32
CA ASN A 218 6.49 12.11 -18.12
C ASN A 218 6.51 12.54 -16.66
N PHE A 219 6.53 13.86 -16.45
CA PHE A 219 6.48 14.44 -15.11
C PHE A 219 5.46 15.55 -15.08
N HIS A 220 4.67 15.56 -14.00
CA HIS A 220 3.40 16.28 -13.86
C HIS A 220 3.51 17.09 -12.56
N MET A 221 4.10 18.28 -12.65
CA MET A 221 4.47 19.04 -11.46
C MET A 221 3.44 20.15 -11.20
N PHE A 222 3.18 20.40 -9.93
CA PHE A 222 2.13 21.31 -9.48
C PHE A 222 2.72 22.42 -8.62
N ASP A 223 2.14 23.61 -8.73
CA ASP A 223 2.52 24.77 -7.93
C ASP A 223 1.33 25.20 -7.09
N VAL A 224 1.62 25.79 -5.93
CA VAL A 224 0.56 26.10 -4.96
C VAL A 224 -0.44 27.08 -5.56
N GLY A 225 0.05 28.13 -6.20
CA GLY A 225 -0.85 29.08 -6.84
C GLY A 225 -1.54 30.01 -5.84
N ALA A 226 -2.77 30.40 -6.18
CA ALA A 226 -3.54 31.35 -5.38
C ALA A 226 -4.21 30.61 -4.23
N GLN A 227 -3.43 30.37 -3.18
CA GLN A 227 -3.92 29.78 -1.94
C GLN A 227 -3.39 30.57 -0.76
N ARG A 228 -4.14 30.54 0.33
CA ARG A 228 -3.74 31.24 1.54
C ARG A 228 -2.59 30.49 2.21
N ASP A 229 -1.93 31.18 3.15
CA ASP A 229 -0.83 30.57 3.89
C ASP A 229 -1.29 29.44 4.79
N GLU A 230 -2.58 29.30 5.03
CA GLU A 230 -3.13 28.18 5.79
C GLU A 230 -3.08 26.93 4.92
N ARG A 231 -1.99 26.17 5.04
CA ARG A 231 -1.81 24.96 4.27
C ARG A 231 -2.16 23.70 5.05
N ARG A 232 -2.94 23.85 6.12
CA ARG A 232 -3.26 22.70 6.97
C ARG A 232 -4.08 21.65 6.22
N LYS A 233 -5.05 22.08 5.43
CA LYS A 233 -6.04 21.17 4.85
C LYS A 233 -5.67 20.70 3.45
N TRP A 234 -5.33 21.61 2.54
CA TRP A 234 -5.13 21.21 1.15
C TRP A 234 -3.84 20.43 0.94
N ILE A 235 -2.87 20.54 1.85
CA ILE A 235 -1.63 19.79 1.69
C ILE A 235 -1.91 18.29 1.70
N GLN A 236 -2.95 17.86 2.42
CA GLN A 236 -3.30 16.44 2.43
C GLN A 236 -3.59 15.92 1.04
N CYS A 237 -4.07 16.79 0.15
CA CYS A 237 -4.37 16.38 -1.22
C CYS A 237 -3.14 15.83 -1.92
N PHE A 238 -1.94 16.18 -1.46
CA PHE A 238 -0.71 15.69 -2.06
C PHE A 238 -0.05 14.58 -1.23
N ASN A 239 -0.86 13.78 -0.52
CA ASN A 239 -0.29 12.70 0.27
C ASN A 239 0.25 11.57 -0.59
N ASP A 240 -0.19 11.47 -1.85
CA ASP A 240 0.17 10.34 -2.70
C ASP A 240 1.03 10.75 -3.89
N VAL A 241 1.60 11.96 -3.87
CA VAL A 241 2.49 12.36 -4.95
C VAL A 241 3.80 11.57 -4.88
N THR A 242 4.50 11.52 -6.01
CA THR A 242 5.79 10.83 -6.03
C THR A 242 6.79 11.49 -5.10
N ALA A 243 6.86 12.82 -5.11
CA ALA A 243 7.79 13.53 -4.24
C ALA A 243 7.30 14.95 -4.03
N ILE A 244 7.77 15.55 -2.93
CA ILE A 244 7.56 16.96 -2.65
C ILE A 244 8.89 17.66 -2.80
N ILE A 245 9.01 18.51 -3.81
CA ILE A 245 10.21 19.31 -4.02
C ILE A 245 10.10 20.56 -3.17
N PHE A 246 10.85 20.59 -2.07
CA PHE A 246 10.82 21.69 -1.11
C PHE A 246 12.02 22.59 -1.37
N VAL A 247 11.76 23.83 -1.78
CA VAL A 247 12.80 24.78 -2.15
C VAL A 247 13.01 25.74 -0.98
N VAL A 248 14.24 25.85 -0.53
CA VAL A 248 14.60 26.69 0.60
C VAL A 248 15.70 27.65 0.19
N ALA A 249 15.51 28.94 0.47
CA ALA A 249 16.51 29.96 0.19
C ALA A 249 17.56 29.92 1.29
N SER A 250 18.77 29.46 0.96
CA SER A 250 19.83 29.34 1.94
C SER A 250 20.43 30.68 2.32
N SER A 251 20.19 31.73 1.53
CA SER A 251 20.75 33.04 1.81
C SER A 251 20.11 33.65 3.06
N ASN A 264 14.13 35.91 10.01
CA ASN A 264 14.71 34.57 9.98
C ASN A 264 13.84 33.63 9.13
N ARG A 265 14.00 33.71 7.82
CA ARG A 265 13.23 32.86 6.91
C ARG A 265 13.73 31.43 6.93
N LEU A 266 15.01 31.21 7.25
CA LEU A 266 15.53 29.85 7.33
C LEU A 266 14.84 29.06 8.44
N GLN A 267 14.60 29.69 9.59
CA GLN A 267 13.90 29.03 10.68
C GLN A 267 12.47 28.70 10.29
N ALA A 268 11.80 29.61 9.57
CA ALA A 268 10.44 29.34 9.10
C ALA A 268 10.43 28.16 8.12
N ALA A 269 11.41 28.11 7.23
CA ALA A 269 11.51 26.98 6.31
C ALA A 269 11.75 25.68 7.06
N LEU A 270 12.60 25.73 8.10
CA LEU A 270 12.84 24.53 8.90
C LEU A 270 11.58 24.07 9.61
N LYS A 271 10.80 25.00 10.16
CA LYS A 271 9.56 24.63 10.82
C LYS A 271 8.56 24.04 9.83
N LEU A 272 8.47 24.63 8.63
CA LEU A 272 7.58 24.08 7.61
C LEU A 272 8.01 22.69 7.19
N PHE A 273 9.31 22.47 7.03
CA PHE A 273 9.82 21.14 6.69
C PHE A 273 9.50 20.14 7.79
N ASP A 274 9.66 20.56 9.05
CA ASP A 274 9.32 19.66 10.16
C ASP A 274 7.84 19.30 10.14
N SER A 275 6.97 20.28 9.90
CA SER A 275 5.54 20.01 9.84
C SER A 275 5.20 19.06 8.70
N ILE A 276 5.82 19.26 7.54
CA ILE A 276 5.57 18.36 6.42
C ILE A 276 6.07 16.95 6.73
N TRP A 277 7.26 16.84 7.32
CA TRP A 277 7.86 15.54 7.59
C TRP A 277 7.05 14.76 8.62
N ASN A 278 6.55 15.44 9.66
CA ASN A 278 5.88 14.77 10.76
C ASN A 278 4.37 14.69 10.58
N ASN A 279 3.84 15.14 9.45
CA ASN A 279 2.40 15.04 9.22
C ASN A 279 1.99 13.59 9.05
N LYS A 280 0.85 13.23 9.66
CA LYS A 280 0.41 11.84 9.63
C LYS A 280 -0.01 11.40 8.23
N TRP A 281 -0.49 12.33 7.40
CA TRP A 281 -0.89 12.00 6.04
C TRP A 281 0.24 12.17 5.04
N LEU A 282 1.23 13.00 5.34
CA LEU A 282 2.38 13.20 4.47
C LEU A 282 3.48 12.19 4.72
N ARG A 283 3.25 11.25 5.64
CA ARG A 283 4.16 10.11 5.78
C ARG A 283 4.12 9.26 4.52
N ASP A 284 5.21 8.53 4.28
CA ASP A 284 5.45 7.70 3.11
C ASP A 284 5.69 8.55 1.87
N THR A 285 5.70 9.88 1.99
CA THR A 285 5.96 10.77 0.87
C THR A 285 7.37 11.33 1.02
N SER A 286 8.19 11.14 0.00
CA SER A 286 9.57 11.58 0.03
C SER A 286 9.68 13.07 -0.32
N VAL A 287 10.74 13.69 0.20
CA VAL A 287 10.98 15.12 0.02
C VAL A 287 12.32 15.29 -0.66
N ILE A 288 12.33 16.05 -1.76
CA ILE A 288 13.55 16.45 -2.45
C ILE A 288 13.84 17.88 -2.02
N LEU A 289 14.93 18.07 -1.29
CA LEU A 289 15.28 19.36 -0.72
C LEU A 289 16.19 20.10 -1.67
N PHE A 290 15.73 21.25 -2.16
CA PHE A 290 16.52 22.12 -3.05
C PHE A 290 16.97 23.32 -2.22
N LEU A 291 18.23 23.30 -1.79
CA LEU A 291 18.83 24.43 -1.08
C LEU A 291 19.28 25.44 -2.11
N ASN A 292 18.36 26.30 -2.54
CA ASN A 292 18.59 27.23 -3.64
C ASN A 292 19.42 28.42 -3.17
N LYS A 293 19.74 29.30 -4.12
CA LYS A 293 20.47 30.54 -3.85
C LYS A 293 21.80 30.27 -3.17
N GLN A 294 22.52 29.25 -3.66
CA GLN A 294 23.82 28.92 -3.11
C GLN A 294 24.85 30.01 -3.38
N ASP A 295 24.78 30.66 -4.55
CA ASP A 295 25.71 31.74 -4.86
C ASP A 295 25.50 32.93 -3.93
N LEU A 296 24.23 33.26 -3.62
CA LEU A 296 23.96 34.35 -2.69
C LEU A 296 24.51 34.04 -1.31
N LEU A 297 24.38 32.79 -0.86
CA LEU A 297 24.97 32.40 0.41
C LEU A 297 26.49 32.50 0.37
N ALA A 298 27.09 32.10 -0.76
CA ALA A 298 28.54 32.16 -0.89
C ALA A 298 29.04 33.59 -0.82
N GLU A 299 28.35 34.53 -1.48
CA GLU A 299 28.79 35.92 -1.48
C GLU A 299 28.38 36.66 -0.22
N LYS A 300 27.57 36.05 0.64
CA LYS A 300 27.12 36.70 1.87
C LYS A 300 28.04 36.35 3.04
N ILE A 308 25.00 34.49 10.63
CA ILE A 308 24.68 33.08 10.79
C ILE A 308 24.95 32.66 12.23
N GLU A 309 26.04 33.17 12.79
CA GLU A 309 26.38 32.85 14.18
C GLU A 309 25.31 33.34 15.14
N ASP A 310 24.84 34.57 14.94
CA ASP A 310 23.82 35.12 15.85
C ASP A 310 22.48 34.43 15.69
N TYR A 311 22.05 34.14 14.46
CA TYR A 311 20.81 33.39 14.27
C TYR A 311 20.94 31.92 14.64
N PHE A 312 22.12 31.33 14.49
CA PHE A 312 22.36 29.92 14.81
C PHE A 312 23.60 29.82 15.68
N PRO A 313 23.46 29.92 17.01
CA PRO A 313 24.64 29.86 17.89
C PRO A 313 25.43 28.58 17.77
N GLU A 314 24.77 27.44 17.56
CA GLU A 314 25.47 26.16 17.47
C GLU A 314 26.43 26.12 16.29
N PHE A 315 26.25 27.00 15.30
CA PHE A 315 27.21 27.09 14.19
C PHE A 315 28.61 27.43 14.68
N ALA A 316 28.73 28.02 15.87
CA ALA A 316 30.05 28.29 16.44
C ALA A 316 30.84 27.00 16.66
N ARG A 317 30.13 25.90 16.96
CA ARG A 317 30.79 24.62 17.26
C ARG A 317 30.59 23.60 16.15
N TYR A 318 30.32 24.05 14.93
CA TYR A 318 30.10 23.15 13.81
C TYR A 318 31.38 22.99 12.99
N THR A 319 31.67 21.75 12.59
CA THR A 319 32.80 21.44 11.74
C THR A 319 32.31 20.78 10.46
N THR A 320 33.00 21.03 9.36
CA THR A 320 32.62 20.45 8.08
C THR A 320 32.69 18.93 8.14
N PRO A 321 31.66 18.21 7.72
CA PRO A 321 31.70 16.75 7.78
C PRO A 321 32.78 16.17 6.88
N GLU A 322 33.31 15.02 7.29
CA GLU A 322 34.37 14.37 6.53
C GLU A 322 33.88 13.89 5.17
N ASP A 323 32.58 13.64 5.04
CA ASP A 323 32.00 13.16 3.79
C ASP A 323 31.66 14.30 2.84
N ALA A 324 31.92 15.56 3.21
CA ALA A 324 31.62 16.68 2.34
C ALA A 324 32.46 16.61 1.07
N THR A 325 31.88 17.04 -0.04
CA THR A 325 32.54 17.05 -1.35
C THR A 325 32.44 18.45 -1.93
N PRO A 326 33.25 19.38 -1.46
CA PRO A 326 33.16 20.76 -1.94
C PRO A 326 33.52 20.85 -3.42
N GLU A 327 32.84 21.76 -4.12
CA GLU A 327 33.20 22.07 -5.48
C GLU A 327 34.56 22.78 -5.51
N PRO A 328 35.41 22.47 -6.49
CA PRO A 328 36.76 23.04 -6.48
C PRO A 328 36.75 24.57 -6.56
N GLY A 329 37.65 25.19 -5.81
CA GLY A 329 37.68 26.63 -5.72
C GLY A 329 36.68 27.23 -4.77
N GLU A 330 36.08 26.43 -3.89
CA GLU A 330 35.09 26.92 -2.94
C GLU A 330 35.77 27.29 -1.63
N ASP A 331 35.37 28.43 -1.07
CA ASP A 331 35.89 28.85 0.22
C ASP A 331 35.45 27.86 1.29
N PRO A 332 36.35 27.41 2.17
CA PRO A 332 35.93 26.48 3.24
C PRO A 332 34.82 27.04 4.12
N ARG A 333 34.76 28.35 4.31
CA ARG A 333 33.69 28.94 5.10
C ARG A 333 32.33 28.73 4.43
N VAL A 334 32.27 28.90 3.12
CA VAL A 334 31.02 28.69 2.39
C VAL A 334 30.59 27.23 2.48
N THR A 335 31.55 26.31 2.32
CA THR A 335 31.23 24.89 2.45
C THR A 335 30.73 24.57 3.85
N ARG A 336 31.37 25.13 4.88
CA ARG A 336 30.91 24.90 6.25
C ARG A 336 29.50 25.41 6.45
N ALA A 337 29.20 26.61 5.95
CA ALA A 337 27.86 27.17 6.13
C ALA A 337 26.81 26.34 5.41
N LYS A 338 27.06 25.98 4.15
CA LYS A 338 26.08 25.22 3.39
C LYS A 338 25.86 23.83 4.00
N TYR A 339 26.92 23.18 4.47
CA TYR A 339 26.75 21.87 5.08
C TYR A 339 26.11 21.98 6.46
N PHE A 340 26.32 23.09 7.17
CA PHE A 340 25.59 23.30 8.41
C PHE A 340 24.10 23.42 8.16
N ILE A 341 23.72 24.17 7.12
CA ILE A 341 22.31 24.28 6.78
C ILE A 341 21.74 22.93 6.37
N ARG A 342 22.50 22.17 5.56
CA ARG A 342 22.04 20.85 5.13
C ARG A 342 21.87 19.92 6.31
N ASP A 343 22.81 19.94 7.26
CA ASP A 343 22.69 19.08 8.45
C ASP A 343 21.54 19.53 9.35
N GLU A 344 21.30 20.83 9.44
CA GLU A 344 20.15 21.31 10.20
C GLU A 344 18.85 20.78 9.61
N PHE A 345 18.75 20.76 8.27
CA PHE A 345 17.57 20.19 7.64
C PHE A 345 17.50 18.67 7.81
N LEU A 346 18.65 18.00 7.73
CA LEU A 346 18.68 16.54 7.80
C LEU A 346 18.44 16.01 9.21
N ARG A 347 18.67 16.83 10.23
CA ARG A 347 18.40 16.39 11.59
C ARG A 347 16.91 16.07 11.77
N ILE A 348 16.04 16.90 11.22
CA ILE A 348 14.60 16.64 11.30
C ILE A 348 14.24 15.36 10.57
N SER A 349 14.81 15.18 9.37
CA SER A 349 14.48 13.99 8.57
C SER A 349 14.95 12.72 9.25
N THR A 350 16.15 12.73 9.83
CA THR A 350 16.68 11.55 10.50
C THR A 350 16.07 11.33 11.87
N ALA A 351 15.44 12.34 12.46
CA ALA A 351 14.82 12.17 13.78
C ALA A 351 13.68 11.17 13.71
N SER A 352 12.84 11.26 12.68
CA SER A 352 11.65 10.40 12.57
C SER A 352 11.53 9.86 11.15
N GLY A 353 12.64 9.38 10.60
CA GLY A 353 12.62 8.81 9.26
C GLY A 353 11.99 7.44 9.21
N ASP A 354 12.59 6.48 9.92
CA ASP A 354 12.06 5.13 10.08
C ASP A 354 12.02 4.35 8.76
N GLY A 355 12.50 4.97 7.67
CA GLY A 355 12.59 4.33 6.39
C GLY A 355 11.31 4.36 5.57
N ARG A 356 10.22 4.87 6.13
CA ARG A 356 8.97 4.92 5.39
C ARG A 356 9.02 5.96 4.28
N HIS A 357 9.73 7.06 4.50
CA HIS A 357 10.00 8.05 3.47
C HIS A 357 11.40 8.60 3.66
N TYR A 358 11.94 9.17 2.58
N TYR A 358 11.94 9.18 2.59
CA TYR A 358 13.35 9.58 2.56
CA TYR A 358 13.34 9.57 2.51
C TYR A 358 13.46 11.02 2.10
C TYR A 358 13.45 11.03 2.11
N CYS A 359 14.55 11.66 2.52
CA CYS A 359 14.83 13.05 2.17
C CYS A 359 16.07 13.11 1.27
N TYR A 360 15.97 13.90 0.21
CA TYR A 360 17.05 14.04 -0.77
C TYR A 360 17.50 15.49 -0.86
N PRO A 361 18.56 15.87 -0.15
CA PRO A 361 19.03 17.26 -0.23
C PRO A 361 19.96 17.49 -1.40
N HIS A 362 19.89 18.69 -1.95
CA HIS A 362 20.74 19.10 -3.07
C HIS A 362 21.12 20.56 -2.92
N PHE A 363 22.37 20.88 -3.22
CA PHE A 363 22.84 22.25 -3.30
C PHE A 363 22.64 22.73 -4.73
N THR A 364 21.61 23.56 -4.94
CA THR A 364 21.20 23.94 -6.28
C THR A 364 21.27 25.45 -6.43
N CYS A 365 21.20 25.90 -7.68
CA CYS A 365 21.06 27.31 -8.02
C CYS A 365 19.83 27.47 -8.90
N SER A 366 19.30 28.69 -8.94
CA SER A 366 18.05 28.94 -9.64
C SER A 366 18.17 28.66 -11.14
N VAL A 367 19.28 29.06 -11.75
CA VAL A 367 19.45 28.87 -13.20
C VAL A 367 20.16 27.57 -13.54
N ASP A 368 20.33 26.66 -12.60
CA ASP A 368 21.00 25.41 -12.88
C ASP A 368 20.17 24.54 -13.81
N THR A 369 20.84 23.92 -14.78
CA THR A 369 20.18 22.97 -15.68
C THR A 369 20.20 21.55 -15.16
N GLU A 370 20.87 21.31 -14.03
CA GLU A 370 20.97 19.98 -13.44
C GLU A 370 19.81 19.67 -12.51
N ASN A 371 18.95 20.65 -12.22
CA ASN A 371 17.83 20.42 -11.32
C ASN A 371 16.88 19.37 -11.86
N ILE A 372 16.62 19.40 -13.17
CA ILE A 372 15.77 18.41 -13.80
C ILE A 372 16.36 17.01 -13.62
N ARG A 373 17.66 16.87 -13.88
CA ARG A 373 18.31 15.58 -13.71
C ARG A 373 18.30 15.13 -12.26
N ARG A 374 18.49 16.07 -11.33
CA ARG A 374 18.43 15.74 -9.91
C ARG A 374 17.06 15.19 -9.53
N VAL A 375 16.00 15.85 -10.00
CA VAL A 375 14.65 15.39 -9.71
C VAL A 375 14.41 14.02 -10.32
N PHE A 376 14.87 13.81 -11.56
CA PHE A 376 14.68 12.53 -12.22
C PHE A 376 15.39 11.41 -11.47
N ASN A 377 16.64 11.66 -11.05
CA ASN A 377 17.38 10.64 -10.31
C ASN A 377 16.74 10.34 -8.96
N ASP A 378 16.28 11.39 -8.27
CA ASP A 378 15.60 11.18 -6.99
C ASP A 378 14.31 10.39 -7.17
N CYS A 379 13.57 10.66 -8.24
CA CYS A 379 12.37 9.88 -8.52
C CYS A 379 12.70 8.42 -8.81
N ARG A 380 13.78 8.19 -9.56
CA ARG A 380 14.24 6.81 -9.78
C ARG A 380 14.53 6.12 -8.46
N ASP A 381 15.26 6.80 -7.57
CA ASP A 381 15.62 6.20 -6.29
C ASP A 381 14.37 5.93 -5.44
N ILE A 382 13.41 6.87 -5.46
CA ILE A 382 12.17 6.69 -4.69
C ILE A 382 11.41 5.48 -5.20
N ILE A 383 11.29 5.34 -6.53
CA ILE A 383 10.57 4.20 -7.10
C ILE A 383 11.27 2.90 -6.75
N GLN A 384 12.61 2.88 -6.85
CA GLN A 384 13.35 1.66 -6.52
C GLN A 384 13.18 1.29 -5.05
N ARG A 385 13.22 2.27 -4.15
CA ARG A 385 13.06 1.99 -2.73
C ARG A 385 11.64 1.51 -2.44
N MET A 386 10.64 2.08 -3.11
CA MET A 386 9.27 1.61 -2.93
C MET A 386 9.12 0.16 -3.39
N HIS A 387 9.71 -0.17 -4.54
CA HIS A 387 9.68 -1.55 -5.02
C HIS A 387 10.38 -2.50 -4.05
N LEU A 388 11.52 -2.08 -3.51
CA LEU A 388 12.22 -2.91 -2.53
C LEU A 388 11.39 -3.10 -1.26
N ARG A 389 10.69 -2.04 -0.82
CA ARG A 389 9.83 -2.15 0.34
C ARG A 389 8.67 -3.11 0.09
N GLN A 390 8.13 -3.11 -1.13
CA GLN A 390 7.07 -4.05 -1.46
C GLN A 390 7.57 -5.50 -1.36
N TYR A 391 8.84 -5.72 -1.68
CA TYR A 391 9.44 -7.09 -1.60
C TYR A 391 10.10 -7.29 -0.24
N GLU A 392 9.92 -6.34 0.70
CA GLU A 392 10.50 -6.43 2.04
C GLU A 392 12.02 -6.61 2.01
N LEU A 393 12.66 -6.24 0.90
CA LEU A 393 14.10 -6.32 0.82
C LEU A 393 14.79 -5.19 1.56
N LEU A 394 14.08 -4.10 1.85
CA LEU A 394 14.67 -2.93 2.48
C LEU A 394 13.89 -2.54 3.73
N GLU B 13 -11.39 53.13 19.91
CA GLU B 13 -10.14 52.46 20.23
C GLU B 13 -10.30 50.94 20.14
N LEU B 14 -9.21 50.25 19.80
CA LEU B 14 -9.26 48.80 19.68
C LEU B 14 -9.55 48.13 21.02
N ASP B 15 -8.99 48.67 22.11
CA ASP B 15 -9.17 48.05 23.42
C ASP B 15 -10.63 48.08 23.86
N GLN B 16 -11.31 49.22 23.67
CA GLN B 16 -12.71 49.29 24.06
C GLN B 16 -13.59 48.44 23.15
N LEU B 17 -13.21 48.32 21.87
CA LEU B 17 -13.91 47.40 20.99
C LEU B 17 -13.79 45.96 21.47
N ARG B 18 -12.57 45.57 21.89
CA ARG B 18 -12.37 44.22 22.39
C ARG B 18 -13.15 43.97 23.68
N GLN B 19 -13.17 44.95 24.59
CA GLN B 19 -13.90 44.73 25.83
C GLN B 19 -15.40 44.70 25.59
N GLU B 20 -15.90 45.50 24.65
CA GLU B 20 -17.32 45.40 24.28
C GLU B 20 -17.62 44.03 23.68
N ALA B 21 -16.74 43.52 22.83
CA ALA B 21 -16.96 42.20 22.24
C ALA B 21 -16.97 41.11 23.31
N GLU B 22 -16.04 41.18 24.26
CA GLU B 22 -15.96 40.13 25.27
C GLU B 22 -17.15 40.22 26.25
N GLN B 23 -17.62 41.43 26.55
CA GLN B 23 -18.80 41.52 27.40
C GLN B 23 -20.05 41.05 26.68
N LEU B 24 -20.14 41.30 25.37
CA LEU B 24 -21.25 40.75 24.59
C LEU B 24 -21.21 39.24 24.58
N LYS B 25 -20.01 38.66 24.42
CA LYS B 25 -19.89 37.20 24.47
C LYS B 25 -20.27 36.66 25.84
N ASN B 26 -19.90 37.38 26.91
CA ASN B 26 -20.29 36.97 28.25
C ASN B 26 -21.80 37.00 28.42
N GLN B 27 -22.44 38.04 27.89
CA GLN B 27 -23.90 38.13 27.97
C GLN B 27 -24.57 36.99 27.20
N ILE B 28 -24.04 36.67 26.01
CA ILE B 28 -24.58 35.56 25.23
C ILE B 28 -24.43 34.24 25.99
N ARG B 29 -23.26 34.02 26.59
CA ARG B 29 -23.03 32.80 27.36
C ARG B 29 -23.96 32.74 28.55
N ASP B 30 -24.19 33.86 29.22
CA ASP B 30 -25.12 33.89 30.36
C ASP B 30 -26.53 33.54 29.92
N ALA B 31 -26.97 34.10 28.78
CA ALA B 31 -28.30 33.78 28.27
C ALA B 31 -28.42 32.30 27.92
N ARG B 32 -27.40 31.74 27.28
CA ARG B 32 -27.42 30.32 26.94
C ARG B 32 -27.45 29.45 28.19
N LYS B 33 -26.68 29.83 29.21
CA LYS B 33 -26.71 29.08 30.47
C LYS B 33 -28.06 29.17 31.14
N ALA B 34 -28.69 30.34 31.10
CA ALA B 34 -30.03 30.49 31.66
C ALA B 34 -31.04 29.62 30.93
N CYS B 35 -30.92 29.52 29.61
CA CYS B 35 -31.83 28.70 28.83
C CYS B 35 -31.56 27.21 28.97
N ALA B 36 -30.45 26.82 29.59
CA ALA B 36 -30.08 25.41 29.73
C ALA B 36 -30.66 24.85 31.03
N ASP B 37 -31.98 24.63 31.00
CA ASP B 37 -32.67 24.10 32.17
C ASP B 37 -32.40 22.62 32.39
N ALA B 38 -32.37 21.84 31.30
CA ALA B 38 -32.22 20.40 31.39
C ALA B 38 -31.31 19.91 30.26
N THR B 39 -30.79 18.70 30.44
CA THR B 39 -29.91 18.08 29.47
C THR B 39 -30.67 17.07 28.63
N LEU B 40 -30.32 17.00 27.34
CA LEU B 40 -30.95 16.04 26.44
C LEU B 40 -30.71 14.60 26.92
N SER B 41 -29.53 14.33 27.48
CA SER B 41 -29.23 12.98 27.94
C SER B 41 -30.17 12.54 29.06
N GLN B 42 -30.37 13.40 30.06
CA GLN B 42 -31.26 13.05 31.16
C GLN B 42 -32.73 13.10 30.76
N ILE B 43 -33.04 13.61 29.58
CA ILE B 43 -34.40 13.57 29.07
C ILE B 43 -34.66 12.28 28.29
N THR B 44 -33.70 11.84 27.49
CA THR B 44 -33.82 10.61 26.72
C THR B 44 -33.30 9.39 27.46
N ASN B 45 -32.88 9.54 28.72
CA ASN B 45 -32.44 8.38 29.50
C ASN B 45 -33.52 7.32 29.65
N ASN B 46 -34.79 7.71 29.54
CA ASN B 46 -35.91 6.82 29.79
C ASN B 46 -36.45 6.15 28.53
N ILE B 47 -35.83 6.39 27.37
CA ILE B 47 -36.29 5.77 26.14
C ILE B 47 -35.47 4.51 25.87
N ASP B 48 -36.05 3.60 25.09
CA ASP B 48 -35.39 2.34 24.81
C ASP B 48 -34.21 2.56 23.86
N PRO B 49 -33.08 1.92 24.10
CA PRO B 49 -31.95 2.02 23.15
C PRO B 49 -32.26 1.33 21.85
N VAL B 50 -31.58 1.80 20.79
CA VAL B 50 -31.77 1.21 19.46
C VAL B 50 -31.18 -0.17 19.33
N GLY B 51 -30.39 -0.61 20.30
CA GLY B 51 -29.76 -1.92 20.23
C GLY B 51 -28.59 -1.94 19.27
N ARG B 52 -28.05 -3.14 19.08
CA ARG B 52 -26.93 -3.32 18.16
C ARG B 52 -27.41 -3.15 16.72
N ILE B 53 -26.69 -2.33 15.97
CA ILE B 53 -26.99 -2.09 14.56
C ILE B 53 -25.96 -2.82 13.72
N GLN B 54 -26.43 -3.77 12.91
CA GLN B 54 -25.56 -4.61 12.09
C GLN B 54 -25.83 -4.31 10.62
N MET B 55 -25.15 -3.31 10.09
CA MET B 55 -25.19 -3.02 8.67
C MET B 55 -24.14 -3.86 7.95
N ARG B 56 -24.48 -4.25 6.72
CA ARG B 56 -23.59 -5.06 5.90
C ARG B 56 -23.42 -4.40 4.53
N THR B 57 -22.30 -4.71 3.89
CA THR B 57 -21.99 -4.18 2.57
C THR B 57 -22.71 -4.99 1.50
N ARG B 58 -23.47 -4.30 0.67
CA ARG B 58 -24.18 -4.93 -0.44
C ARG B 58 -23.53 -4.69 -1.79
N ARG B 59 -22.94 -3.52 -2.00
CA ARG B 59 -22.28 -3.19 -3.24
C ARG B 59 -20.91 -2.60 -2.95
N THR B 60 -19.96 -2.86 -3.85
CA THR B 60 -18.63 -2.27 -3.78
C THR B 60 -18.30 -1.68 -5.14
N LEU B 61 -18.23 -0.36 -5.22
CA LEU B 61 -18.01 0.34 -6.48
C LEU B 61 -16.52 0.47 -6.74
N ARG B 62 -16.05 -0.16 -7.81
CA ARG B 62 -14.65 -0.14 -8.19
C ARG B 62 -14.50 0.51 -9.56
N GLY B 63 -13.36 1.18 -9.76
CA GLY B 63 -13.10 1.85 -11.02
C GLY B 63 -12.34 3.16 -10.84
N HIS B 64 -12.44 3.77 -9.67
CA HIS B 64 -11.66 4.96 -9.39
C HIS B 64 -10.19 4.61 -9.25
N LEU B 65 -9.34 5.48 -9.78
CA LEU B 65 -7.90 5.23 -9.81
C LEU B 65 -7.19 5.68 -8.54
N ALA B 66 -7.60 6.80 -7.96
CA ALA B 66 -6.95 7.37 -6.80
C ALA B 66 -7.98 7.57 -5.68
N LYS B 67 -7.55 8.25 -4.62
CA LYS B 67 -8.41 8.46 -3.47
C LYS B 67 -9.60 9.33 -3.82
N ILE B 68 -10.71 9.09 -3.12
CA ILE B 68 -12.00 9.72 -3.39
C ILE B 68 -12.29 10.70 -2.26
N TYR B 69 -12.70 11.93 -2.62
CA TYR B 69 -13.12 12.88 -1.59
C TYR B 69 -14.61 12.96 -1.38
N ALA B 70 -15.42 13.14 -2.42
CA ALA B 70 -16.82 13.47 -2.21
C ALA B 70 -17.71 12.52 -2.97
N MET B 71 -18.88 12.26 -2.40
CA MET B 71 -19.97 11.59 -3.09
C MET B 71 -21.27 12.29 -2.72
N HIS B 72 -22.25 12.19 -3.61
CA HIS B 72 -23.55 12.77 -3.35
C HIS B 72 -24.63 11.91 -3.98
N TRP B 73 -25.57 11.46 -3.15
CA TRP B 73 -26.69 10.68 -3.65
C TRP B 73 -27.64 11.56 -4.47
N GLY B 74 -28.21 10.98 -5.51
CA GLY B 74 -29.29 11.63 -6.20
C GLY B 74 -30.59 11.54 -5.43
N THR B 75 -31.54 12.40 -5.81
CA THR B 75 -32.84 12.40 -5.14
C THR B 75 -33.66 11.16 -5.43
N ASP B 76 -33.28 10.37 -6.45
CA ASP B 76 -33.95 9.11 -6.72
C ASP B 76 -33.43 7.97 -5.87
N SER B 77 -32.41 8.21 -5.04
CA SER B 77 -31.83 7.23 -4.14
C SER B 77 -31.23 6.04 -4.88
N ARG B 78 -30.99 6.18 -6.19
CA ARG B 78 -30.41 5.12 -6.99
C ARG B 78 -29.08 5.53 -7.61
N LEU B 79 -29.02 6.69 -8.24
CA LEU B 79 -27.79 7.18 -8.86
C LEU B 79 -27.01 8.03 -7.89
N LEU B 80 -25.68 7.94 -7.97
CA LEU B 80 -24.80 8.76 -7.15
C LEU B 80 -23.61 9.20 -7.97
N VAL B 81 -22.90 10.22 -7.48
CA VAL B 81 -21.71 10.75 -8.14
C VAL B 81 -20.55 10.69 -7.17
N SER B 82 -19.37 10.32 -7.68
CA SER B 82 -18.17 10.23 -6.87
C SER B 82 -17.03 10.99 -7.55
N ALA B 83 -16.19 11.62 -6.74
CA ALA B 83 -15.10 12.46 -7.20
C ALA B 83 -13.77 11.92 -6.70
N SER B 84 -12.83 11.68 -7.62
CA SER B 84 -11.53 11.13 -7.27
C SER B 84 -10.41 11.99 -7.81
N GLN B 85 -9.23 11.85 -7.19
CA GLN B 85 -8.06 12.65 -7.51
C GLN B 85 -7.44 12.31 -8.86
N ASP B 86 -7.86 11.22 -9.51
CA ASP B 86 -7.36 10.93 -10.84
C ASP B 86 -7.93 11.88 -11.88
N GLY B 87 -8.84 12.77 -11.49
CA GLY B 87 -9.51 13.65 -12.41
C GLY B 87 -10.83 13.15 -12.92
N LYS B 88 -11.56 12.36 -12.13
CA LYS B 88 -12.76 11.68 -12.60
C LYS B 88 -13.94 11.95 -11.67
N LEU B 89 -15.05 12.34 -12.30
CA LEU B 89 -16.38 12.22 -11.74
C LEU B 89 -17.03 10.98 -12.34
N ILE B 90 -17.55 10.10 -11.48
CA ILE B 90 -18.19 8.88 -11.97
C ILE B 90 -19.61 8.82 -11.44
N ILE B 91 -20.57 8.60 -12.33
CA ILE B 91 -21.96 8.40 -11.96
C ILE B 91 -22.21 6.91 -11.87
N TRP B 92 -22.57 6.43 -10.68
CA TRP B 92 -22.84 5.03 -10.41
C TRP B 92 -24.32 4.79 -10.25
N ASP B 93 -24.80 3.72 -10.90
CA ASP B 93 -26.12 3.16 -10.63
C ASP B 93 -25.94 2.13 -9.52
N SER B 94 -26.33 2.51 -8.29
CA SER B 94 -26.03 1.67 -7.13
C SER B 94 -26.79 0.35 -7.18
N TYR B 95 -27.92 0.29 -7.88
CA TYR B 95 -28.70 -0.93 -7.93
C TYR B 95 -27.97 -2.01 -8.73
N THR B 96 -27.48 -1.66 -9.92
CA THR B 96 -26.85 -2.62 -10.82
C THR B 96 -25.34 -2.51 -10.84
N THR B 97 -24.75 -1.60 -10.06
CA THR B 97 -23.31 -1.37 -9.94
C THR B 97 -22.70 -0.83 -11.23
N ASN B 98 -23.49 -0.67 -12.29
CA ASN B 98 -22.97 -0.19 -13.56
C ASN B 98 -22.61 1.30 -13.48
N LYS B 99 -21.67 1.71 -14.33
CA LYS B 99 -21.27 3.10 -14.42
C LYS B 99 -22.08 3.79 -15.51
N VAL B 100 -22.67 4.94 -15.18
CA VAL B 100 -23.51 5.66 -16.13
C VAL B 100 -22.70 6.68 -16.92
N HIS B 101 -21.89 7.49 -16.24
CA HIS B 101 -21.09 8.51 -16.90
C HIS B 101 -19.71 8.58 -16.25
N ALA B 102 -18.71 8.85 -17.08
CA ALA B 102 -17.34 9.08 -16.61
C ALA B 102 -16.87 10.41 -17.18
N ILE B 103 -16.82 11.43 -16.33
CA ILE B 103 -16.48 12.79 -16.72
C ILE B 103 -15.03 13.05 -16.34
N PRO B 104 -14.13 13.28 -17.30
CA PRO B 104 -12.78 13.72 -16.95
C PRO B 104 -12.75 15.21 -16.62
N LEU B 105 -11.99 15.55 -15.60
CA LEU B 105 -11.92 16.92 -15.11
C LEU B 105 -10.66 17.59 -15.62
N ARG B 106 -10.77 18.89 -15.89
CA ARG B 106 -9.61 19.67 -16.31
C ARG B 106 -8.56 19.72 -15.22
N SER B 107 -8.98 19.88 -13.97
CA SER B 107 -8.09 19.84 -12.82
C SER B 107 -8.37 18.57 -12.03
N SER B 108 -7.32 17.78 -11.80
CA SER B 108 -7.45 16.52 -11.11
C SER B 108 -7.56 16.67 -9.60
N TRP B 109 -7.41 17.88 -9.07
CA TRP B 109 -7.43 18.12 -7.63
C TRP B 109 -8.84 18.53 -7.18
N VAL B 110 -9.76 17.58 -7.30
CA VAL B 110 -11.15 17.81 -6.92
C VAL B 110 -11.33 17.41 -5.46
N MET B 111 -12.05 18.24 -4.71
CA MET B 111 -12.29 18.00 -3.29
C MET B 111 -13.77 17.90 -2.94
N THR B 112 -14.67 18.22 -3.87
CA THR B 112 -16.09 18.15 -3.58
C THR B 112 -16.85 17.89 -4.88
N CYS B 113 -18.05 17.33 -4.72
CA CYS B 113 -18.95 17.11 -5.84
C CYS B 113 -20.38 17.19 -5.34
N ALA B 114 -21.29 17.61 -6.23
CA ALA B 114 -22.69 17.76 -5.88
C ALA B 114 -23.56 17.25 -7.00
N TYR B 115 -24.71 16.70 -6.64
CA TYR B 115 -25.70 16.21 -7.58
C TYR B 115 -26.93 17.11 -7.51
N ALA B 116 -27.35 17.61 -8.67
CA ALA B 116 -28.51 18.49 -8.69
C ALA B 116 -29.76 17.72 -8.28
N PRO B 117 -30.68 18.36 -7.54
CA PRO B 117 -31.92 17.66 -7.15
C PRO B 117 -32.73 17.18 -8.34
N SER B 118 -32.73 17.92 -9.44
CA SER B 118 -33.43 17.47 -10.64
C SER B 118 -32.69 16.35 -11.35
N GLY B 119 -31.39 16.16 -11.06
CA GLY B 119 -30.60 15.14 -11.70
C GLY B 119 -30.05 15.51 -13.06
N ASN B 120 -30.31 16.74 -13.53
CA ASN B 120 -29.86 17.15 -14.86
C ASN B 120 -28.44 17.71 -14.86
N TYR B 121 -27.89 18.04 -13.69
CA TYR B 121 -26.59 18.68 -13.61
C TYR B 121 -25.77 18.04 -12.50
N VAL B 122 -24.44 18.15 -12.63
CA VAL B 122 -23.52 17.73 -11.59
C VAL B 122 -22.51 18.86 -11.39
N ALA B 123 -21.92 18.92 -10.20
CA ALA B 123 -20.98 19.97 -9.87
C ALA B 123 -19.70 19.37 -9.28
N CYS B 124 -18.59 20.07 -9.48
CA CYS B 124 -17.32 19.67 -8.90
C CYS B 124 -16.47 20.91 -8.68
N GLY B 125 -15.39 20.74 -7.92
CA GLY B 125 -14.49 21.85 -7.66
C GLY B 125 -13.38 21.39 -6.74
N GLY B 126 -12.37 22.24 -6.61
CA GLY B 126 -11.23 21.90 -5.78
C GLY B 126 -10.13 22.94 -5.73
N LEU B 127 -8.89 22.50 -5.89
CA LEU B 127 -7.73 23.38 -5.77
C LEU B 127 -7.65 24.41 -6.89
N ASP B 128 -8.42 24.25 -7.97
CA ASP B 128 -8.41 25.21 -9.07
C ASP B 128 -9.24 26.45 -8.77
N ASN B 129 -9.94 26.48 -7.64
CA ASN B 129 -10.80 27.60 -7.23
C ASN B 129 -11.94 27.84 -8.22
N ILE B 130 -12.32 26.80 -8.95
CA ILE B 130 -13.38 26.89 -9.96
C ILE B 130 -14.47 25.88 -9.62
N CYS B 131 -15.72 26.32 -9.69
CA CYS B 131 -16.87 25.43 -9.54
C CYS B 131 -17.37 25.08 -10.93
N SER B 132 -17.13 23.85 -11.35
CA SER B 132 -17.49 23.39 -12.69
C SER B 132 -18.85 22.69 -12.63
N ILE B 133 -19.79 23.16 -13.44
CA ILE B 133 -21.12 22.59 -13.56
C ILE B 133 -21.19 21.88 -14.91
N TYR B 134 -21.45 20.58 -14.88
CA TYR B 134 -21.57 19.74 -16.06
C TYR B 134 -23.04 19.40 -16.29
N ASN B 135 -23.48 19.47 -17.55
CA ASN B 135 -24.83 19.11 -17.93
C ASN B 135 -24.87 17.64 -18.31
N LEU B 136 -25.69 16.86 -17.60
CA LEU B 136 -25.83 15.43 -17.85
C LEU B 136 -26.93 15.10 -18.86
N LYS B 137 -27.65 16.09 -19.35
CA LYS B 137 -28.76 15.83 -20.25
C LYS B 137 -28.58 16.57 -21.58
N THR B 138 -27.37 16.54 -22.12
CA THR B 138 -27.10 17.20 -23.39
C THR B 138 -27.80 16.47 -24.53
N ARG B 139 -28.22 17.25 -25.53
CA ARG B 139 -28.90 16.68 -26.69
C ARG B 139 -27.99 15.74 -27.46
N GLU B 140 -26.70 16.09 -27.57
CA GLU B 140 -25.76 15.24 -28.31
C GLU B 140 -25.59 13.89 -27.62
N GLY B 141 -25.69 13.86 -26.29
CA GLY B 141 -25.54 12.64 -25.53
C GLY B 141 -24.24 12.49 -24.78
N ASN B 142 -23.41 13.53 -24.73
CA ASN B 142 -22.14 13.50 -24.03
C ASN B 142 -22.09 14.62 -22.99
N VAL B 143 -21.34 14.38 -21.92
CA VAL B 143 -21.25 15.34 -20.83
C VAL B 143 -20.20 16.40 -21.18
N ARG B 144 -20.59 17.67 -21.06
CA ARG B 144 -19.70 18.78 -21.36
C ARG B 144 -19.85 19.83 -20.27
N VAL B 145 -18.83 20.69 -20.15
CA VAL B 145 -18.84 21.75 -19.15
C VAL B 145 -19.97 22.72 -19.45
N SER B 146 -20.99 22.73 -18.61
CA SER B 146 -22.09 23.67 -18.80
C SER B 146 -21.69 25.07 -18.34
N ARG B 147 -20.96 25.17 -17.24
CA ARG B 147 -20.57 26.47 -16.71
C ARG B 147 -19.35 26.32 -15.83
N GLU B 148 -18.62 27.42 -15.67
CA GLU B 148 -17.47 27.49 -14.77
C GLU B 148 -17.60 28.76 -13.94
N LEU B 149 -17.79 28.59 -12.64
CA LEU B 149 -17.95 29.70 -11.71
C LEU B 149 -16.60 30.01 -11.08
N ALA B 150 -16.15 31.26 -11.22
CA ALA B 150 -14.88 31.72 -10.71
C ALA B 150 -15.09 32.97 -9.86
N GLY B 151 -14.14 33.21 -8.97
CA GLY B 151 -14.22 34.35 -8.07
C GLY B 151 -13.71 34.03 -6.68
N HIS B 152 -13.75 32.76 -6.30
CA HIS B 152 -13.18 32.34 -5.03
C HIS B 152 -11.65 32.40 -5.09
N THR B 153 -11.05 32.91 -4.03
CA THR B 153 -9.60 32.98 -3.91
C THR B 153 -9.02 31.84 -3.09
N GLY B 154 -9.86 30.86 -2.72
CA GLY B 154 -9.39 29.69 -2.00
C GLY B 154 -10.02 28.44 -2.57
N TYR B 155 -9.46 27.30 -2.17
CA TYR B 155 -9.90 26.02 -2.72
C TYR B 155 -11.38 25.75 -2.36
N LEU B 156 -12.09 25.14 -3.30
CA LEU B 156 -13.49 24.77 -3.08
C LEU B 156 -13.55 23.52 -2.22
N SER B 157 -14.22 23.62 -1.07
CA SER B 157 -14.34 22.50 -0.16
C SER B 157 -15.70 21.82 -0.20
N CYS B 158 -16.76 22.54 -0.56
CA CYS B 158 -18.08 21.95 -0.62
C CYS B 158 -18.96 22.79 -1.54
N CYS B 159 -19.90 22.13 -2.21
CA CYS B 159 -20.88 22.79 -3.05
C CYS B 159 -22.19 22.02 -2.97
N ARG B 160 -23.30 22.75 -3.00
CA ARG B 160 -24.63 22.15 -2.92
C ARG B 160 -25.59 22.92 -3.80
N PHE B 161 -26.38 22.19 -4.58
CA PHE B 161 -27.38 22.82 -5.44
C PHE B 161 -28.60 23.22 -4.62
N LEU B 162 -29.07 24.45 -4.85
CA LEU B 162 -30.40 24.84 -4.38
C LEU B 162 -31.48 24.47 -5.39
N ASP B 163 -31.19 24.71 -6.67
CA ASP B 163 -32.06 24.32 -7.78
C ASP B 163 -31.18 24.23 -9.01
N ASP B 164 -31.82 24.15 -10.19
CA ASP B 164 -31.06 24.04 -11.43
C ASP B 164 -30.30 25.31 -11.79
N ASN B 165 -30.62 26.44 -11.15
CA ASN B 165 -30.01 27.71 -11.51
C ASN B 165 -29.27 28.38 -10.36
N GLN B 166 -29.36 27.85 -9.14
CA GLN B 166 -28.69 28.44 -7.99
C GLN B 166 -27.84 27.39 -7.30
N ILE B 167 -26.63 27.78 -6.91
CA ILE B 167 -25.73 26.89 -6.18
C ILE B 167 -25.12 27.65 -5.01
N VAL B 168 -24.70 26.91 -3.99
CA VAL B 168 -24.00 27.48 -2.84
C VAL B 168 -22.69 26.72 -2.68
N THR B 169 -21.60 27.47 -2.48
CA THR B 169 -20.26 26.90 -2.42
C THR B 169 -19.53 27.42 -1.20
N SER B 170 -18.67 26.58 -0.64
CA SER B 170 -17.79 26.94 0.47
C SER B 170 -16.35 26.83 0.00
N SER B 171 -15.53 27.79 0.40
CA SER B 171 -14.17 27.90 -0.10
C SER B 171 -13.19 28.06 1.04
N GLY B 172 -11.91 27.87 0.71
CA GLY B 172 -10.84 28.03 1.66
C GLY B 172 -10.47 29.47 1.96
N ASP B 173 -11.09 30.43 1.27
CA ASP B 173 -10.87 31.84 1.52
C ASP B 173 -11.74 32.39 2.65
N THR B 174 -12.22 31.51 3.54
CA THR B 174 -13.03 31.83 4.71
C THR B 174 -14.38 32.44 4.37
N THR B 175 -14.86 32.29 3.13
CA THR B 175 -16.14 32.84 2.72
C THR B 175 -16.95 31.79 1.99
N CYS B 176 -18.27 31.97 2.02
CA CYS B 176 -19.20 31.18 1.24
C CYS B 176 -19.81 32.05 0.16
N ALA B 177 -20.34 31.41 -0.89
CA ALA B 177 -20.87 32.15 -2.02
C ALA B 177 -22.14 31.50 -2.54
N LEU B 178 -23.10 32.32 -2.94
CA LEU B 178 -24.30 31.89 -3.62
C LEU B 178 -24.25 32.39 -5.06
N TRP B 179 -24.24 31.45 -6.01
CA TRP B 179 -24.04 31.74 -7.42
C TRP B 179 -25.33 31.46 -8.20
N ASP B 180 -25.57 32.30 -9.21
CA ASP B 180 -26.56 32.03 -10.24
C ASP B 180 -25.85 31.36 -11.41
N ILE B 181 -26.29 30.15 -11.75
CA ILE B 181 -25.60 29.37 -12.78
C ILE B 181 -25.74 30.03 -14.15
N GLU B 182 -26.90 30.64 -14.42
CA GLU B 182 -27.15 31.20 -15.75
C GLU B 182 -26.17 32.32 -16.07
N THR B 183 -26.06 33.31 -15.18
CA THR B 183 -25.15 34.43 -15.41
C THR B 183 -23.72 34.15 -14.97
N GLY B 184 -23.49 33.08 -14.21
CA GLY B 184 -22.16 32.78 -13.74
C GLY B 184 -21.61 33.77 -12.73
N GLN B 185 -22.46 34.58 -12.12
CA GLN B 185 -22.03 35.61 -11.19
C GLN B 185 -22.31 35.18 -9.76
N GLN B 186 -21.48 35.69 -8.84
CA GLN B 186 -21.62 35.42 -7.42
C GLN B 186 -22.68 36.37 -6.87
N THR B 187 -23.92 35.90 -6.78
CA THR B 187 -25.02 36.78 -6.35
C THR B 187 -24.86 37.19 -4.90
N THR B 188 -24.45 36.28 -4.02
CA THR B 188 -24.37 36.60 -2.60
C THR B 188 -23.04 36.11 -2.05
N THR B 189 -22.51 36.85 -1.07
CA THR B 189 -21.29 36.48 -0.38
C THR B 189 -21.55 36.42 1.13
N PHE B 190 -21.13 35.33 1.76
CA PHE B 190 -21.29 35.12 3.19
C PHE B 190 -19.90 35.18 3.83
N THR B 191 -19.68 36.21 4.65
CA THR B 191 -18.40 36.43 5.30
C THR B 191 -18.59 36.44 6.82
N GLY B 192 -17.51 36.16 7.53
CA GLY B 192 -17.54 36.12 8.97
C GLY B 192 -16.66 35.03 9.55
N HIS B 193 -16.45 33.96 8.79
CA HIS B 193 -15.55 32.90 9.23
C HIS B 193 -14.11 33.39 9.19
N THR B 194 -13.33 32.96 10.17
CA THR B 194 -11.91 33.29 10.26
C THR B 194 -11.01 32.14 9.88
N GLY B 195 -11.57 31.06 9.33
CA GLY B 195 -10.79 29.91 8.92
C GLY B 195 -11.36 29.30 7.65
N ASP B 196 -10.64 28.29 7.15
CA ASP B 196 -11.06 27.59 5.95
C ASP B 196 -12.42 26.95 6.15
N VAL B 197 -13.41 27.39 5.38
CA VAL B 197 -14.75 26.82 5.45
C VAL B 197 -14.70 25.44 4.80
N MET B 198 -14.87 24.40 5.62
CA MET B 198 -14.66 23.04 5.17
C MET B 198 -15.93 22.31 4.77
N SER B 199 -17.04 22.53 5.48
CA SER B 199 -18.25 21.76 5.21
C SER B 199 -19.45 22.68 5.11
N LEU B 200 -20.44 22.24 4.33
CA LEU B 200 -21.64 23.02 4.06
C LEU B 200 -22.84 22.09 4.06
N SER B 201 -23.95 22.57 4.63
CA SER B 201 -25.17 21.77 4.64
C SER B 201 -26.37 22.68 4.43
N LEU B 202 -27.27 22.26 3.54
CA LEU B 202 -28.49 23.00 3.24
C LEU B 202 -29.65 22.48 4.07
N ALA B 203 -30.50 23.40 4.54
CA ALA B 203 -31.68 23.02 5.27
C ALA B 203 -32.68 22.34 4.33
N PRO B 204 -33.58 21.51 4.87
CA PRO B 204 -34.57 20.84 4.02
C PRO B 204 -35.43 21.81 3.22
N ASP B 205 -35.76 22.97 3.77
CA ASP B 205 -36.52 23.98 3.05
C ASP B 205 -35.64 24.85 2.16
N THR B 206 -34.32 24.65 2.20
CA THR B 206 -33.36 25.40 1.38
C THR B 206 -33.47 26.91 1.60
N ARG B 207 -33.81 27.31 2.82
CA ARG B 207 -33.91 28.73 3.16
C ARG B 207 -32.76 29.19 4.04
N LEU B 208 -32.16 28.28 4.80
CA LEU B 208 -30.98 28.55 5.60
C LEU B 208 -29.94 27.47 5.32
N PHE B 209 -28.69 27.76 5.69
CA PHE B 209 -27.66 26.73 5.55
C PHE B 209 -26.59 26.93 6.61
N VAL B 210 -25.98 25.82 7.04
CA VAL B 210 -24.95 25.84 8.07
C VAL B 210 -23.60 25.57 7.43
N SER B 211 -22.60 26.33 7.85
CA SER B 211 -21.23 26.20 7.37
C SER B 211 -20.30 25.93 8.54
N GLY B 212 -19.44 24.93 8.37
CA GLY B 212 -18.42 24.60 9.35
C GLY B 212 -17.03 24.87 8.82
N ALA B 213 -16.24 25.64 9.55
CA ALA B 213 -14.95 26.11 9.11
C ALA B 213 -13.85 25.64 10.06
N CYS B 214 -12.62 26.07 9.76
CA CYS B 214 -11.44 25.69 10.54
C CYS B 214 -11.21 26.59 11.74
N ASP B 215 -12.21 27.36 12.16
CA ASP B 215 -12.11 28.20 13.35
C ASP B 215 -12.85 27.59 14.54
N ALA B 216 -13.15 26.29 14.49
CA ALA B 216 -13.83 25.57 15.56
C ALA B 216 -15.21 26.16 15.85
N SER B 217 -15.87 26.70 14.82
CA SER B 217 -17.19 27.28 14.97
C SER B 217 -18.03 26.95 13.74
N ALA B 218 -19.35 26.94 13.94
CA ALA B 218 -20.31 26.76 12.86
C ALA B 218 -21.20 27.99 12.79
N LYS B 219 -21.63 28.32 11.57
CA LYS B 219 -22.43 29.52 11.37
C LYS B 219 -23.67 29.20 10.55
N LEU B 220 -24.79 29.78 10.94
CA LEU B 220 -26.07 29.62 10.24
C LEU B 220 -26.34 30.87 9.43
N TRP B 221 -26.53 30.69 8.12
CA TRP B 221 -26.70 31.80 7.19
C TRP B 221 -28.09 31.74 6.55
N ASP B 222 -28.69 32.91 6.36
CA ASP B 222 -29.94 33.05 5.64
C ASP B 222 -29.64 33.31 4.18
N VAL B 223 -30.35 32.61 3.29
CA VAL B 223 -30.07 32.69 1.86
C VAL B 223 -30.45 34.06 1.32
N ARG B 224 -31.60 34.61 1.75
CA ARG B 224 -32.09 35.87 1.23
C ARG B 224 -31.13 37.02 1.46
N GLU B 225 -30.91 37.38 2.74
CA GLU B 225 -30.15 38.57 3.08
C GLU B 225 -28.65 38.33 3.14
N GLY B 226 -28.20 37.08 3.09
CA GLY B 226 -26.78 36.81 3.14
C GLY B 226 -26.11 37.26 4.42
N MET B 227 -26.76 37.04 5.56
CA MET B 227 -26.22 37.45 6.85
C MET B 227 -26.20 36.26 7.80
N CYS B 228 -25.24 36.26 8.71
CA CYS B 228 -25.11 35.19 9.69
C CYS B 228 -26.15 35.38 10.79
N ARG B 229 -26.98 34.35 10.99
CA ARG B 229 -28.04 34.42 12.00
C ARG B 229 -27.53 33.99 13.37
N GLN B 230 -26.83 32.86 13.44
CA GLN B 230 -26.34 32.33 14.71
C GLN B 230 -24.95 31.76 14.52
N THR B 231 -24.17 31.77 15.59
CA THR B 231 -22.84 31.18 15.63
C THR B 231 -22.79 30.19 16.79
N PHE B 232 -22.32 28.98 16.50
CA PHE B 232 -22.27 27.90 17.47
C PHE B 232 -20.81 27.50 17.71
N THR B 233 -20.42 27.45 18.98
CA THR B 233 -19.08 27.07 19.38
C THR B 233 -19.14 25.90 20.35
N GLY B 234 -17.98 25.33 20.64
CA GLY B 234 -17.90 24.19 21.53
C GLY B 234 -16.89 23.17 21.07
N HIS B 235 -16.64 23.12 19.77
CA HIS B 235 -15.60 22.25 19.24
C HIS B 235 -14.22 22.81 19.57
N GLU B 236 -13.26 21.91 19.78
CA GLU B 236 -11.91 22.32 20.15
C GLU B 236 -10.97 22.45 18.97
N SER B 237 -11.33 21.91 17.80
CA SER B 237 -10.45 21.93 16.64
C SER B 237 -11.29 22.23 15.40
N ASP B 238 -10.68 22.04 14.23
CA ASP B 238 -11.34 22.36 12.97
C ASP B 238 -12.54 21.44 12.76
N ILE B 239 -13.63 22.03 12.26
CA ILE B 239 -14.83 21.28 11.94
C ILE B 239 -14.75 20.83 10.48
N ASN B 240 -14.81 19.52 10.27
CA ASN B 240 -14.67 18.96 8.92
C ASN B 240 -15.99 18.57 8.28
N ALA B 241 -17.05 18.38 9.06
CA ALA B 241 -18.31 17.92 8.53
C ALA B 241 -19.47 18.60 9.23
N ILE B 242 -20.60 18.72 8.54
CA ILE B 242 -21.80 19.32 9.08
C ILE B 242 -23.00 18.74 8.34
N CYS B 243 -24.12 18.63 9.04
CA CYS B 243 -25.33 18.04 8.47
C CYS B 243 -26.53 18.41 9.33
N PHE B 244 -27.60 18.90 8.70
CA PHE B 244 -28.83 19.18 9.41
C PHE B 244 -29.50 17.92 9.92
N PHE B 245 -30.21 18.06 11.04
CA PHE B 245 -31.17 17.05 11.46
C PHE B 245 -32.32 17.01 10.45
N PRO B 246 -32.94 15.84 10.25
CA PRO B 246 -34.05 15.76 9.29
C PRO B 246 -35.18 16.72 9.59
N ASN B 247 -35.40 17.04 10.87
CA ASN B 247 -36.40 18.05 11.22
C ASN B 247 -36.02 19.41 10.64
N GLY B 248 -34.74 19.76 10.68
CA GLY B 248 -34.28 21.04 10.21
C GLY B 248 -34.06 22.07 11.29
N ASN B 249 -34.35 21.74 12.54
CA ASN B 249 -34.14 22.65 13.67
C ASN B 249 -32.82 22.40 14.39
N ALA B 250 -32.03 21.45 13.92
CA ALA B 250 -30.78 21.11 14.59
C ALA B 250 -29.81 20.56 13.55
N PHE B 251 -28.54 20.50 13.93
CA PHE B 251 -27.51 19.96 13.04
C PHE B 251 -26.43 19.30 13.87
N ALA B 252 -25.55 18.58 13.17
CA ALA B 252 -24.44 17.87 13.80
C ALA B 252 -23.13 18.21 13.10
N THR B 253 -22.06 18.27 13.89
CA THR B 253 -20.74 18.61 13.40
C THR B 253 -19.75 17.57 13.86
N GLY B 254 -18.79 17.25 13.01
CA GLY B 254 -17.65 16.42 13.38
C GLY B 254 -16.38 17.22 13.28
N SER B 255 -15.49 17.07 14.26
CA SER B 255 -14.30 17.90 14.31
C SER B 255 -13.06 17.03 14.44
N ASP B 256 -11.90 17.68 14.30
CA ASP B 256 -10.60 17.03 14.44
C ASP B 256 -10.28 16.67 15.88
N ASP B 257 -11.07 17.14 16.85
CA ASP B 257 -10.88 16.77 18.25
C ASP B 257 -11.46 15.40 18.58
N ALA B 258 -11.74 14.59 17.56
CA ALA B 258 -12.30 13.25 17.69
C ALA B 258 -13.68 13.25 18.31
N THR B 259 -14.45 14.33 18.14
CA THR B 259 -15.79 14.42 18.71
C THR B 259 -16.77 14.90 17.65
N CYS B 260 -18.01 14.43 17.78
CA CYS B 260 -19.16 14.99 17.10
C CYS B 260 -20.02 15.71 18.13
N ARG B 261 -20.76 16.72 17.67
CA ARG B 261 -21.60 17.52 18.55
C ARG B 261 -22.90 17.86 17.86
N LEU B 262 -23.98 17.84 18.63
CA LEU B 262 -25.32 18.16 18.13
C LEU B 262 -25.69 19.54 18.64
N PHE B 263 -25.83 20.48 17.71
CA PHE B 263 -26.23 21.84 18.03
C PHE B 263 -27.67 22.08 17.60
N ASP B 264 -28.33 23.00 18.31
CA ASP B 264 -29.73 23.31 18.10
C ASP B 264 -29.90 24.76 17.68
N LEU B 265 -30.73 24.98 16.66
CA LEU B 265 -30.97 26.33 16.19
C LEU B 265 -31.77 27.14 17.19
N ARG B 266 -32.84 26.57 17.72
CA ARG B 266 -33.71 27.32 18.64
C ARG B 266 -33.07 27.48 20.01
N ALA B 267 -32.40 26.45 20.52
CA ALA B 267 -31.72 26.55 21.80
C ALA B 267 -30.42 27.33 21.71
N ASP B 268 -29.85 27.46 20.50
CA ASP B 268 -28.62 28.24 20.27
C ASP B 268 -27.47 27.74 21.15
N GLN B 269 -27.37 26.42 21.30
CA GLN B 269 -26.30 25.83 22.08
C GLN B 269 -26.19 24.36 21.71
N GLU B 270 -25.16 23.70 22.27
CA GLU B 270 -24.91 22.29 22.03
C GLU B 270 -25.72 21.43 22.99
N LEU B 271 -26.32 20.37 22.46
CA LEU B 271 -27.14 19.47 23.26
C LEU B 271 -26.43 18.17 23.63
N MET B 272 -25.67 17.59 22.72
CA MET B 272 -25.08 16.28 22.97
C MET B 272 -23.69 16.22 22.34
N THR B 273 -22.80 15.46 23.00
CA THR B 273 -21.45 15.21 22.50
C THR B 273 -21.27 13.71 22.31
N TYR B 274 -20.83 13.32 21.13
CA TYR B 274 -20.57 11.93 20.77
C TYR B 274 -19.06 11.75 20.67
N SER B 275 -18.50 11.01 21.61
CA SER B 275 -17.07 10.73 21.65
C SER B 275 -16.83 9.52 22.52
N HIS B 276 -15.65 8.92 22.38
CA HIS B 276 -15.26 7.78 23.18
C HIS B 276 -13.79 7.90 23.56
N ASP B 277 -13.39 7.21 24.62
CA ASP B 277 -12.03 7.33 25.12
C ASP B 277 -11.02 6.79 24.12
N ASN B 278 -11.35 5.71 23.43
CA ASN B 278 -10.42 5.06 22.52
C ASN B 278 -10.44 5.66 21.11
N ILE B 279 -11.22 6.71 20.90
CA ILE B 279 -11.27 7.40 19.61
C ILE B 279 -10.45 8.68 19.73
N ILE B 280 -9.36 8.75 18.97
CA ILE B 280 -8.46 9.91 19.02
C ILE B 280 -8.21 10.44 17.62
N CYS B 281 -9.04 10.02 16.67
CA CYS B 281 -8.93 10.45 15.28
C CYS B 281 -10.08 11.37 14.92
N GLY B 282 -9.81 12.31 14.02
CA GLY B 282 -10.81 13.28 13.63
C GLY B 282 -11.90 12.68 12.76
N ILE B 283 -13.02 13.39 12.69
CA ILE B 283 -14.17 13.00 11.89
C ILE B 283 -14.11 13.72 10.55
N THR B 284 -14.28 12.97 9.46
CA THR B 284 -14.24 13.54 8.12
C THR B 284 -15.62 13.74 7.50
N SER B 285 -16.64 13.01 7.95
CA SER B 285 -17.96 13.12 7.36
C SER B 285 -19.00 12.67 8.38
N VAL B 286 -20.15 13.34 8.39
CA VAL B 286 -21.27 12.98 9.24
C VAL B 286 -22.54 12.99 8.41
N SER B 287 -23.52 12.21 8.87
CA SER B 287 -24.84 12.18 8.24
C SER B 287 -25.84 11.61 9.22
N PHE B 288 -27.11 11.94 8.99
CA PHE B 288 -28.21 11.44 9.81
C PHE B 288 -28.99 10.38 9.05
N SER B 289 -29.68 9.53 9.79
CA SER B 289 -30.62 8.60 9.17
C SER B 289 -31.89 9.36 8.75
N LYS B 290 -32.82 8.63 8.14
CA LYS B 290 -34.04 9.27 7.66
C LYS B 290 -34.86 9.86 8.81
N SER B 291 -34.95 9.14 9.92
CA SER B 291 -35.67 9.63 11.09
C SER B 291 -34.80 10.46 12.02
N GLY B 292 -33.49 10.52 11.78
CA GLY B 292 -32.59 11.27 12.64
C GLY B 292 -32.19 10.56 13.91
N ARG B 293 -32.61 9.31 14.11
CA ARG B 293 -32.26 8.59 15.32
C ARG B 293 -30.80 8.13 15.32
N LEU B 294 -30.24 7.86 14.14
CA LEU B 294 -28.87 7.39 14.01
C LEU B 294 -28.00 8.47 13.40
N LEU B 295 -26.79 8.62 13.93
CA LEU B 295 -25.81 9.56 13.43
C LEU B 295 -24.60 8.77 12.94
N LEU B 296 -24.34 8.82 11.64
CA LEU B 296 -23.23 8.10 11.04
C LEU B 296 -22.07 9.04 10.82
N ALA B 297 -20.90 8.70 11.36
CA ALA B 297 -19.73 9.55 11.27
C ALA B 297 -18.54 8.75 10.76
N GLY B 298 -17.87 9.27 9.75
CA GLY B 298 -16.67 8.63 9.22
C GLY B 298 -15.43 9.18 9.93
N TYR B 299 -14.50 8.27 10.23
CA TYR B 299 -13.35 8.59 11.05
C TYR B 299 -12.06 8.36 10.29
N ASP B 300 -10.97 8.90 10.83
CA ASP B 300 -9.65 8.73 10.23
C ASP B 300 -9.05 7.35 10.53
N ASP B 301 -9.63 6.60 11.46
CA ASP B 301 -9.13 5.27 11.80
C ASP B 301 -9.64 4.19 10.88
N PHE B 302 -10.09 4.56 9.68
CA PHE B 302 -10.55 3.70 8.59
C PHE B 302 -11.95 3.15 8.85
N ASN B 303 -12.61 3.58 9.92
CA ASN B 303 -13.91 3.03 10.31
C ASN B 303 -14.96 4.12 10.38
N CYS B 304 -16.21 3.70 10.33
CA CYS B 304 -17.36 4.58 10.53
C CYS B 304 -18.11 4.13 11.77
N ASN B 305 -18.62 5.10 12.53
CA ASN B 305 -19.35 4.82 13.76
C ASN B 305 -20.79 5.30 13.62
N VAL B 306 -21.72 4.45 14.02
CA VAL B 306 -23.14 4.78 14.06
C VAL B 306 -23.51 4.98 15.51
N TRP B 307 -23.88 6.21 15.87
CA TRP B 307 -24.22 6.59 17.23
C TRP B 307 -25.74 6.73 17.37
N ASP B 308 -26.24 6.41 18.55
CA ASP B 308 -27.61 6.76 18.91
C ASP B 308 -27.69 8.26 19.14
N ALA B 309 -28.32 8.98 18.20
CA ALA B 309 -28.34 10.44 18.26
C ALA B 309 -29.08 10.97 19.48
N LEU B 310 -29.95 10.16 20.09
CA LEU B 310 -30.71 10.60 21.25
C LEU B 310 -30.08 10.20 22.56
N LYS B 311 -29.24 9.17 22.59
CA LYS B 311 -28.63 8.70 23.82
C LYS B 311 -27.10 8.74 23.81
N ALA B 312 -26.48 9.17 22.70
CA ALA B 312 -25.04 9.27 22.59
C ALA B 312 -24.34 7.94 22.85
N ASP B 313 -24.93 6.85 22.38
CA ASP B 313 -24.36 5.52 22.54
C ASP B 313 -23.89 5.00 21.19
N ARG B 314 -22.74 4.33 21.19
CA ARG B 314 -22.17 3.76 19.97
C ARG B 314 -23.02 2.57 19.54
N ALA B 315 -23.92 2.79 18.59
CA ALA B 315 -24.83 1.74 18.17
C ALA B 315 -24.14 0.68 17.31
N GLY B 316 -23.25 1.10 16.41
CA GLY B 316 -22.64 0.13 15.52
C GLY B 316 -21.38 0.65 14.88
N VAL B 317 -20.68 -0.24 14.18
CA VAL B 317 -19.43 0.06 13.51
C VAL B 317 -19.46 -0.48 12.09
N LEU B 318 -19.04 0.35 11.14
CA LEU B 318 -18.85 -0.04 9.74
C LEU B 318 -17.35 -0.08 9.49
N ALA B 319 -16.81 -1.28 9.31
CA ALA B 319 -15.36 -1.49 9.29
C ALA B 319 -14.94 -2.24 8.03
N GLY B 320 -15.39 -1.76 6.87
CA GLY B 320 -15.06 -2.41 5.62
C GLY B 320 -13.99 -1.73 4.80
N HIS B 321 -13.57 -0.54 5.20
CA HIS B 321 -12.65 0.26 4.40
C HIS B 321 -11.21 0.06 4.88
N ASP B 322 -10.28 0.08 3.93
CA ASP B 322 -8.87 -0.13 4.21
C ASP B 322 -8.08 1.15 4.39
N ASN B 323 -8.65 2.30 4.02
CA ASN B 323 -7.96 3.59 4.15
C ASN B 323 -8.91 4.58 4.79
N ARG B 324 -8.48 5.84 4.84
CA ARG B 324 -9.26 6.88 5.49
C ARG B 324 -10.62 7.05 4.84
N VAL B 325 -11.67 7.07 5.64
CA VAL B 325 -13.03 7.28 5.16
C VAL B 325 -13.20 8.78 4.93
N SER B 326 -13.38 9.17 3.66
CA SER B 326 -13.43 10.58 3.31
C SER B 326 -14.84 11.14 3.25
N CYS B 327 -15.84 10.33 2.87
CA CYS B 327 -17.19 10.84 2.73
C CYS B 327 -18.19 9.74 3.03
N LEU B 328 -19.41 10.14 3.39
CA LEU B 328 -20.51 9.20 3.52
C LEU B 328 -21.81 9.97 3.37
N GLY B 329 -22.80 9.31 2.80
CA GLY B 329 -24.10 9.93 2.56
C GLY B 329 -25.21 8.93 2.64
N VAL B 330 -26.36 9.39 3.11
CA VAL B 330 -27.55 8.55 3.29
C VAL B 330 -28.57 8.93 2.22
N THR B 331 -29.18 7.91 1.62
CA THR B 331 -30.16 8.14 0.57
C THR B 331 -31.36 8.92 1.10
N ASP B 332 -32.09 9.55 0.18
CA ASP B 332 -33.26 10.33 0.56
C ASP B 332 -34.33 9.46 1.21
N ASP B 333 -34.54 8.25 0.71
CA ASP B 333 -35.48 7.32 1.30
C ASP B 333 -34.88 6.54 2.46
N GLY B 334 -33.60 6.70 2.73
CA GLY B 334 -32.96 6.07 3.88
C GLY B 334 -32.74 4.58 3.77
N MET B 335 -32.74 4.03 2.56
CA MET B 335 -32.58 2.58 2.42
C MET B 335 -31.15 2.15 2.73
N ALA B 336 -30.16 2.94 2.31
CA ALA B 336 -28.77 2.53 2.45
C ALA B 336 -27.89 3.75 2.60
N VAL B 337 -26.66 3.52 3.09
CA VAL B 337 -25.68 4.58 3.28
C VAL B 337 -24.42 4.21 2.51
N ALA B 338 -23.90 5.16 1.73
CA ALA B 338 -22.73 4.93 0.90
C ALA B 338 -21.53 5.67 1.48
N THR B 339 -20.41 4.96 1.62
CA THR B 339 -19.18 5.51 2.17
C THR B 339 -18.09 5.44 1.11
N GLY B 340 -17.40 6.55 0.90
CA GLY B 340 -16.25 6.61 0.02
C GLY B 340 -14.99 6.90 0.80
N SER B 341 -13.94 6.15 0.52
CA SER B 341 -12.69 6.20 1.29
C SER B 341 -11.53 6.51 0.37
N TRP B 342 -10.35 6.67 0.97
CA TRP B 342 -9.13 6.95 0.23
C TRP B 342 -8.58 5.72 -0.48
N ASP B 343 -9.14 4.54 -0.23
CA ASP B 343 -8.72 3.32 -0.92
C ASP B 343 -9.33 3.18 -2.31
N SER B 344 -9.92 4.25 -2.84
CA SER B 344 -10.52 4.30 -4.18
C SER B 344 -11.71 3.38 -4.34
N PHE B 345 -12.46 3.10 -3.28
CA PHE B 345 -13.64 2.25 -3.34
C PHE B 345 -14.81 2.91 -2.63
N LEU B 346 -16.00 2.76 -3.21
CA LEU B 346 -17.24 3.11 -2.52
C LEU B 346 -17.94 1.84 -2.06
N LYS B 347 -18.54 1.90 -0.88
CA LYS B 347 -19.26 0.78 -0.32
C LYS B 347 -20.64 1.21 0.14
N ILE B 348 -21.66 0.46 -0.28
CA ILE B 348 -23.04 0.71 0.12
C ILE B 348 -23.40 -0.27 1.23
N TRP B 349 -23.98 0.25 2.30
CA TRP B 349 -24.27 -0.52 3.51
C TRP B 349 -25.74 -0.41 3.84
N ASN B 350 -26.31 -1.52 4.31
CA ASN B 350 -27.64 -1.49 4.93
C ASN B 350 -27.90 -2.74 5.77
N SER C 8 -7.51 44.64 12.73
CA SER C 8 -7.77 46.04 12.43
C SER C 8 -9.00 46.55 13.17
N ILE C 9 -9.22 47.87 13.11
CA ILE C 9 -10.36 48.47 13.81
C ILE C 9 -11.67 48.08 13.14
N ALA C 10 -11.71 48.09 11.80
CA ALA C 10 -12.95 47.81 11.09
C ALA C 10 -13.43 46.39 11.36
N GLN C 11 -12.49 45.45 11.43
CA GLN C 11 -12.86 44.08 11.82
C GLN C 11 -13.47 44.05 13.21
N ALA C 12 -12.94 44.86 14.13
CA ALA C 12 -13.49 44.91 15.48
C ALA C 12 -14.91 45.46 15.50
N ARG C 13 -15.17 46.54 14.75
CA ARG C 13 -16.55 47.03 14.66
C ARG C 13 -17.47 45.99 14.04
N LYS C 14 -17.01 45.31 12.99
CA LYS C 14 -17.84 44.29 12.35
C LYS C 14 -18.18 43.17 13.32
N LEU C 15 -17.18 42.72 14.09
CA LEU C 15 -17.41 41.66 15.07
C LEU C 15 -18.37 42.12 16.16
N VAL C 16 -18.22 43.37 16.63
CA VAL C 16 -19.12 43.88 17.66
C VAL C 16 -20.55 43.96 17.14
N GLU C 17 -20.71 44.43 15.90
CA GLU C 17 -22.05 44.52 15.31
C GLU C 17 -22.66 43.13 15.15
N GLN C 18 -21.87 42.15 14.70
CA GLN C 18 -22.39 40.79 14.56
C GLN C 18 -22.79 40.21 15.91
N LEU C 19 -21.99 40.47 16.95
CA LEU C 19 -22.33 39.98 18.28
C LEU C 19 -23.62 40.64 18.79
N LYS C 20 -23.78 41.94 18.54
CA LYS C 20 -25.01 42.61 18.94
C LYS C 20 -26.22 42.03 18.21
N MET C 21 -26.07 41.74 16.92
CA MET C 21 -27.17 41.14 16.17
C MET C 21 -27.51 39.76 16.70
N GLU C 22 -26.48 38.96 17.03
CA GLU C 22 -26.72 37.60 17.51
C GLU C 22 -27.24 37.54 18.93
N ALA C 23 -26.96 38.56 19.75
CA ALA C 23 -27.40 38.55 21.14
C ALA C 23 -28.86 38.91 21.32
N ASN C 24 -29.54 39.35 20.26
CA ASN C 24 -30.94 39.79 20.35
C ASN C 24 -31.91 38.72 19.86
N ILE C 25 -31.46 37.48 19.69
CA ILE C 25 -32.33 36.41 19.25
C ILE C 25 -33.08 35.84 20.45
N ASP C 26 -34.18 35.15 20.17
CA ASP C 26 -34.99 34.52 21.20
C ASP C 26 -34.64 33.05 21.30
N ARG C 27 -34.36 32.58 22.51
CA ARG C 27 -33.94 31.20 22.76
C ARG C 27 -34.99 30.49 23.58
N ILE C 28 -35.37 29.30 23.14
CA ILE C 28 -36.30 28.46 23.89
C ILE C 28 -35.53 27.58 24.85
N LYS C 29 -36.23 27.02 25.82
CA LYS C 29 -35.61 26.14 26.80
C LYS C 29 -35.07 24.88 26.14
N VAL C 30 -33.97 24.37 26.68
CA VAL C 30 -33.35 23.16 26.14
C VAL C 30 -34.26 21.95 26.32
N SER C 31 -35.01 21.91 27.42
CA SER C 31 -35.89 20.77 27.66
C SER C 31 -36.95 20.66 26.58
N LYS C 32 -37.56 21.78 26.20
CA LYS C 32 -38.59 21.76 25.16
C LYS C 32 -38.01 21.32 23.82
N ALA C 33 -36.81 21.82 23.49
CA ALA C 33 -36.18 21.45 22.23
C ALA C 33 -35.81 19.97 22.19
N ALA C 34 -35.30 19.45 23.31
CA ALA C 34 -35.00 18.02 23.40
C ALA C 34 -36.27 17.19 23.27
N ALA C 35 -37.36 17.64 23.88
CA ALA C 35 -38.63 16.94 23.73
C ALA C 35 -39.09 16.95 22.28
N ASP C 36 -38.92 18.08 21.60
CA ASP C 36 -39.31 18.15 20.19
C ASP C 36 -38.48 17.21 19.33
N LEU C 37 -37.17 17.16 19.57
CA LEU C 37 -36.31 16.26 18.81
C LEU C 37 -36.68 14.81 19.07
N MET C 38 -36.95 14.46 20.33
CA MET C 38 -37.35 13.09 20.67
C MET C 38 -38.68 12.74 20.01
N ALA C 39 -39.63 13.68 20.01
CA ALA C 39 -40.92 13.44 19.37
C ALA C 39 -40.76 13.23 17.88
N TYR C 40 -39.91 14.03 17.23
CA TYR C 40 -39.67 13.83 15.80
C TYR C 40 -39.04 12.46 15.54
N CYS C 41 -38.08 12.06 16.39
CA CYS C 41 -37.46 10.75 16.21
C CYS C 41 -38.48 9.63 16.37
N GLU C 42 -39.37 9.75 17.36
CA GLU C 42 -40.37 8.71 17.60
C GLU C 42 -41.44 8.67 16.52
N ALA C 43 -41.77 9.82 15.93
CA ALA C 43 -42.83 9.88 14.93
C ALA C 43 -42.39 9.39 13.55
N HIS C 44 -41.11 9.11 13.35
CA HIS C 44 -40.61 8.64 12.07
C HIS C 44 -39.80 7.36 12.20
N ALA C 45 -39.90 6.67 13.35
CA ALA C 45 -39.12 5.45 13.55
C ALA C 45 -39.53 4.36 12.59
N LYS C 46 -40.83 4.23 12.31
CA LYS C 46 -41.31 3.18 11.41
C LYS C 46 -40.84 3.41 9.98
N GLU C 47 -40.54 4.66 9.61
CA GLU C 47 -40.13 5.00 8.26
C GLU C 47 -38.61 5.06 8.10
N ASP C 48 -37.86 4.48 9.04
CA ASP C 48 -36.40 4.49 8.97
C ASP C 48 -35.91 3.08 8.65
N PRO C 49 -35.52 2.81 7.41
CA PRO C 49 -35.03 1.46 7.06
C PRO C 49 -33.76 1.06 7.79
N LEU C 50 -32.96 2.03 8.25
CA LEU C 50 -31.73 1.71 8.96
C LEU C 50 -31.97 1.27 10.40
N LEU C 51 -32.97 1.84 11.06
CA LEU C 51 -33.26 1.43 12.43
C LEU C 51 -33.78 0.00 12.48
N THR C 52 -34.77 -0.32 11.67
CA THR C 52 -35.36 -1.64 11.63
C THR C 52 -34.93 -2.35 10.35
N PRO C 53 -34.20 -3.46 10.42
CA PRO C 53 -33.82 -4.17 9.20
C PRO C 53 -35.02 -4.48 8.32
N VAL C 54 -34.88 -4.21 7.04
CA VAL C 54 -35.96 -4.38 6.07
C VAL C 54 -35.84 -5.76 5.44
N PRO C 55 -36.94 -6.48 5.23
CA PRO C 55 -36.86 -7.77 4.53
C PRO C 55 -36.37 -7.61 3.10
N ALA C 56 -35.71 -8.65 2.60
CA ALA C 56 -35.10 -8.61 1.28
C ALA C 56 -36.12 -8.48 0.15
N SER C 57 -37.40 -8.68 0.44
CA SER C 57 -38.41 -8.57 -0.60
C SER C 57 -38.46 -7.18 -1.20
N GLU C 58 -38.38 -6.14 -0.36
CA GLU C 58 -38.43 -4.76 -0.81
C GLU C 58 -37.12 -4.03 -0.55
N ASN C 59 -36.01 -4.78 -0.46
CA ASN C 59 -34.70 -4.19 -0.30
C ASN C 59 -33.99 -4.20 -1.65
N PRO C 60 -33.82 -3.05 -2.31
CA PRO C 60 -33.18 -3.06 -3.64
C PRO C 60 -31.74 -3.54 -3.64
N PHE C 61 -31.02 -3.39 -2.54
CA PHE C 61 -29.62 -3.80 -2.48
C PHE C 61 -29.48 -5.24 -1.98
N ARG C 62 -30.20 -6.15 -2.63
CA ARG C 62 -30.15 -7.56 -2.28
C ARG C 62 -30.80 -8.41 -3.37
N GLN D 1 -15.82 28.12 23.85
CA GLN D 1 -14.95 28.23 22.69
C GLN D 1 -13.48 28.32 23.11
N VAL D 2 -12.58 28.18 22.14
CA VAL D 2 -11.15 28.25 22.42
C VAL D 2 -10.78 29.69 22.74
N GLN D 3 -10.15 29.89 23.91
CA GLN D 3 -9.80 31.22 24.37
C GLN D 3 -8.40 31.17 25.00
N LEU D 4 -7.47 31.89 24.41
CA LEU D 4 -6.11 32.03 24.93
C LEU D 4 -5.90 33.48 25.33
N GLN D 5 -5.55 33.71 26.60
CA GLN D 5 -5.36 35.06 27.11
C GLN D 5 -3.94 35.20 27.63
N GLU D 6 -3.22 36.18 27.10
CA GLU D 6 -1.82 36.42 27.48
C GLU D 6 -1.72 37.61 28.44
N SER D 7 -0.94 37.44 29.49
CA SER D 7 -0.72 38.46 30.50
C SER D 7 0.77 38.63 30.72
N GLY D 8 1.14 39.84 31.17
CA GLY D 8 2.53 40.22 31.32
C GLY D 8 2.98 41.15 30.21
N GLY D 9 4.27 41.47 30.26
CA GLY D 9 4.86 42.35 29.27
C GLY D 9 4.75 43.81 29.64
N GLY D 10 5.42 44.64 28.85
CA GLY D 10 5.43 46.07 29.09
C GLY D 10 6.78 46.69 28.84
N LEU D 11 7.14 47.68 29.66
CA LEU D 11 8.43 48.35 29.54
C LEU D 11 9.43 47.75 30.51
N VAL D 12 10.63 47.48 30.02
CA VAL D 12 11.69 46.87 30.82
C VAL D 12 13.03 47.32 30.24
N GLN D 13 13.99 47.59 31.13
CA GLN D 13 15.31 48.00 30.69
C GLN D 13 16.02 46.84 30.00
N PRO D 14 16.92 47.12 29.05
CA PRO D 14 17.66 46.04 28.39
C PRO D 14 18.45 45.22 29.40
N GLY D 15 18.48 43.91 29.17
CA GLY D 15 19.10 43.00 30.11
C GLY D 15 18.21 42.56 31.24
N GLY D 16 16.95 43.00 31.28
CA GLY D 16 16.03 42.64 32.33
C GLY D 16 15.39 41.28 32.10
N SER D 17 14.47 40.94 33.00
CA SER D 17 13.80 39.65 32.97
C SER D 17 12.33 39.84 33.29
N LEU D 18 11.48 39.02 32.67
CA LEU D 18 10.07 39.02 33.01
C LEU D 18 9.43 37.73 32.53
N ARG D 19 8.25 37.43 33.09
CA ARG D 19 7.59 36.15 32.90
C ARG D 19 6.22 36.39 32.28
N LEU D 20 6.10 36.06 30.99
CA LEU D 20 4.81 36.11 30.31
C LEU D 20 4.01 34.86 30.65
N SER D 21 2.71 35.04 30.87
CA SER D 21 1.83 33.93 31.16
C SER D 21 0.71 33.88 30.13
N CYS D 22 0.14 32.70 29.93
CA CYS D 22 -1.01 32.55 29.06
C CYS D 22 -1.94 31.50 29.64
N ALA D 23 -3.20 31.88 29.81
CA ALA D 23 -4.24 30.99 30.31
C ALA D 23 -5.12 30.54 29.15
N ALA D 24 -5.39 29.23 29.12
CA ALA D 24 -6.16 28.62 28.04
C ALA D 24 -7.48 28.09 28.58
N SER D 25 -8.53 28.19 27.76
CA SER D 25 -9.84 27.68 28.13
C SER D 25 -10.57 27.24 26.87
N GLY D 26 -11.55 26.37 27.07
CA GLY D 26 -12.34 25.85 25.98
C GLY D 26 -11.79 24.60 25.31
N PHE D 27 -10.68 24.06 25.81
CA PHE D 27 -10.12 22.83 25.26
C PHE D 27 -9.25 22.17 26.32
N THR D 28 -8.97 20.89 26.11
CA THR D 28 -8.11 20.14 27.01
C THR D 28 -6.67 20.56 26.78
N PHE D 29 -6.07 21.25 27.75
CA PHE D 29 -4.74 21.81 27.57
C PHE D 29 -3.69 20.72 27.39
N SER D 30 -3.81 19.63 28.14
CA SER D 30 -2.79 18.59 28.14
C SER D 30 -2.70 17.83 26.82
N ASN D 31 -3.69 17.96 25.94
CA ASN D 31 -3.70 17.22 24.68
C ASN D 31 -3.11 18.00 23.51
N TYR D 32 -2.69 19.25 23.72
CA TYR D 32 -2.23 20.10 22.63
C TYR D 32 -0.81 20.57 22.87
N LYS D 33 -0.01 20.56 21.81
CA LYS D 33 1.34 21.10 21.83
C LYS D 33 1.28 22.61 21.61
N MET D 34 2.06 23.35 22.39
CA MET D 34 1.89 24.80 22.47
C MET D 34 3.11 25.52 21.92
N ASN D 35 2.88 26.75 21.44
CA ASN D 35 3.93 27.55 20.82
C ASN D 35 3.84 28.98 21.33
N TRP D 36 5.00 29.63 21.40
CA TRP D 36 5.09 31.07 21.58
C TRP D 36 5.66 31.67 20.31
N VAL D 37 4.94 32.65 19.74
CA VAL D 37 5.38 33.35 18.55
C VAL D 37 5.39 34.84 18.86
N ARG D 38 5.99 35.61 17.96
CA ARG D 38 6.03 37.05 18.16
C ARG D 38 6.01 37.77 16.82
N GLN D 39 5.57 39.02 16.86
CA GLN D 39 5.54 39.89 15.70
C GLN D 39 6.22 41.19 16.06
N ALA D 40 7.33 41.49 15.37
CA ALA D 40 8.03 42.75 15.56
C ALA D 40 7.36 43.85 14.75
N PRO D 41 7.51 45.12 15.17
CA PRO D 41 6.94 46.21 14.39
C PRO D 41 7.52 46.26 12.99
N GLY D 42 6.64 46.29 11.99
CA GLY D 42 7.07 46.30 10.61
C GLY D 42 7.57 44.98 10.10
N LYS D 43 7.34 43.89 10.84
CA LYS D 43 7.79 42.56 10.44
C LYS D 43 6.64 41.58 10.60
N GLY D 44 6.78 40.42 9.95
CA GLY D 44 5.79 39.38 10.06
C GLY D 44 5.94 38.56 11.32
N LEU D 45 5.00 37.62 11.49
CA LEU D 45 5.03 36.76 12.65
C LEU D 45 6.20 35.79 12.58
N GLU D 46 6.86 35.57 13.72
CA GLU D 46 8.04 34.74 13.80
C GLU D 46 7.88 33.76 14.95
N TRP D 47 8.15 32.48 14.68
CA TRP D 47 8.11 31.46 15.72
C TRP D 47 9.25 31.66 16.70
N VAL D 48 8.98 31.45 17.99
CA VAL D 48 9.96 31.70 19.03
C VAL D 48 10.26 30.44 19.82
N SER D 49 9.23 29.84 20.41
CA SER D 49 9.43 28.71 21.31
C SER D 49 8.34 27.68 21.11
N ASP D 50 8.63 26.45 21.51
CA ASP D 50 7.73 25.33 21.30
C ASP D 50 7.86 24.34 22.45
N ILE D 51 6.71 23.89 22.96
CA ILE D 51 6.67 22.90 24.03
C ILE D 51 5.66 21.83 23.67
N SER D 52 6.00 20.58 23.97
CA SER D 52 5.14 19.45 23.64
C SER D 52 4.01 19.32 24.66
N GLN D 53 3.23 18.25 24.52
CA GLN D 53 2.07 18.05 25.39
C GLN D 53 2.49 17.84 26.84
N SER D 54 3.46 16.94 27.07
CA SER D 54 3.93 16.64 28.41
C SER D 54 5.06 17.54 28.86
N GLY D 55 5.59 18.39 27.99
CA GLY D 55 6.71 19.24 28.33
C GLY D 55 8.06 18.58 28.18
N ALA D 56 8.11 17.31 27.76
CA ALA D 56 9.40 16.64 27.61
C ALA D 56 10.19 17.21 26.43
N SER D 57 9.51 17.46 25.32
CA SER D 57 10.16 18.01 24.12
C SER D 57 9.99 19.52 24.12
N ILE D 58 11.11 20.23 24.12
CA ILE D 58 11.13 21.69 24.17
C ILE D 58 12.12 22.20 23.14
N SER D 59 11.73 23.21 22.37
CA SER D 59 12.61 23.77 21.36
C SER D 59 12.48 25.29 21.36
N TYR D 60 13.56 25.95 20.94
CA TYR D 60 13.60 27.40 20.83
C TYR D 60 14.23 27.78 19.49
N THR D 61 13.92 28.99 19.05
CA THR D 61 14.60 29.55 17.90
C THR D 61 16.01 29.97 18.29
N GLY D 62 16.90 30.03 17.29
CA GLY D 62 18.30 30.30 17.58
C GLY D 62 18.56 31.68 18.14
N SER D 63 17.68 32.63 17.84
CA SER D 63 17.90 34.01 18.29
C SER D 63 17.78 34.15 19.80
N VAL D 64 16.87 33.41 20.43
CA VAL D 64 16.62 33.53 21.86
C VAL D 64 17.08 32.31 22.64
N LYS D 65 17.74 31.35 21.99
CA LYS D 65 18.21 30.17 22.69
C LYS D 65 19.24 30.54 23.74
N GLY D 66 19.08 29.99 24.94
CA GLY D 66 19.94 30.30 26.06
C GLY D 66 19.48 31.45 26.92
N ARG D 67 18.45 32.18 26.50
CA ARG D 67 17.89 33.29 27.27
C ARG D 67 16.43 33.11 27.63
N PHE D 68 15.63 32.47 26.77
CA PHE D 68 14.22 32.26 27.01
C PHE D 68 13.99 30.82 27.45
N THR D 69 13.08 30.63 28.40
CA THR D 69 12.66 29.30 28.82
C THR D 69 11.15 29.21 28.79
N ILE D 70 10.64 28.05 28.41
CA ILE D 70 9.21 27.82 28.25
C ILE D 70 8.78 26.67 29.14
N SER D 71 7.60 26.80 29.74
CA SER D 71 7.08 25.77 30.62
C SER D 71 5.56 25.78 30.53
N ARG D 72 4.95 24.69 31.01
CA ARG D 72 3.50 24.59 31.00
C ARG D 72 3.03 23.88 32.27
N ASP D 73 1.91 24.35 32.81
CA ASP D 73 1.23 23.70 33.92
C ASP D 73 -0.11 23.19 33.40
N ASN D 74 -0.21 21.86 33.22
CA ASN D 74 -1.44 21.27 32.72
C ASN D 74 -2.55 21.31 33.75
N ALA D 75 -2.21 21.20 35.04
CA ALA D 75 -3.22 21.27 36.09
C ALA D 75 -3.89 22.63 36.11
N LYS D 76 -3.12 23.70 35.95
CA LYS D 76 -3.67 25.05 35.87
C LYS D 76 -4.06 25.46 34.46
N ASN D 77 -3.86 24.58 33.48
CA ASN D 77 -4.25 24.83 32.09
C ASN D 77 -3.61 26.11 31.56
N THR D 78 -2.34 26.30 31.87
CA THR D 78 -1.65 27.53 31.50
C THR D 78 -0.23 27.21 31.07
N LEU D 79 0.42 28.21 30.48
CA LEU D 79 1.83 28.10 30.10
C LEU D 79 2.54 29.42 30.35
N TYR D 80 3.86 29.33 30.50
CA TYR D 80 4.70 30.47 30.85
C TYR D 80 5.92 30.52 29.95
N LEU D 81 6.36 31.75 29.68
CA LEU D 81 7.62 32.01 28.98
C LEU D 81 8.40 33.02 29.82
N GLN D 82 9.50 32.56 30.42
CA GLN D 82 10.36 33.43 31.20
C GLN D 82 11.52 33.90 30.33
N MET D 83 11.65 35.21 30.16
CA MET D 83 12.67 35.80 29.31
C MET D 83 13.66 36.56 30.18
N ASN D 84 14.95 36.23 30.04
CA ASN D 84 16.02 36.79 30.82
C ASN D 84 17.02 37.48 29.91
N SER D 85 17.60 38.58 30.39
CA SER D 85 18.63 39.32 29.69
C SER D 85 18.18 39.71 28.29
N LEU D 86 17.15 40.57 28.26
CA LEU D 86 16.54 40.96 27.00
C LEU D 86 17.47 41.85 26.19
N LYS D 87 17.15 41.98 24.91
CA LYS D 87 17.90 42.76 23.95
C LYS D 87 16.95 43.69 23.20
N PRO D 88 17.45 44.78 22.62
CA PRO D 88 16.55 45.76 22.01
C PRO D 88 15.69 45.20 20.88
N GLU D 89 16.13 44.16 20.17
CA GLU D 89 15.36 43.62 19.08
C GLU D 89 14.31 42.62 19.54
N ASP D 90 14.21 42.37 20.84
CA ASP D 90 13.16 41.50 21.37
C ASP D 90 11.84 42.22 21.58
N THR D 91 11.79 43.53 21.33
CA THR D 91 10.54 44.28 21.44
C THR D 91 9.58 43.84 20.35
N ALA D 92 8.43 43.30 20.77
CA ALA D 92 7.46 42.75 19.82
C ALA D 92 6.17 42.45 20.57
N VAL D 93 5.15 42.10 19.80
CA VAL D 93 3.90 41.60 20.37
C VAL D 93 3.97 40.08 20.38
N TYR D 94 3.90 39.49 21.57
CA TYR D 94 4.04 38.06 21.75
C TYR D 94 2.65 37.41 21.80
N TYR D 95 2.47 36.38 20.99
CA TYR D 95 1.23 35.62 20.93
C TYR D 95 1.49 34.18 21.36
N CYS D 96 0.47 33.57 21.95
CA CYS D 96 0.50 32.15 22.27
C CYS D 96 -0.37 31.40 21.26
N ALA D 97 0.22 30.39 20.62
CA ALA D 97 -0.45 29.64 19.57
C ALA D 97 -0.65 28.21 20.03
N ARG D 98 -1.83 27.66 19.75
CA ARG D 98 -2.10 26.26 20.00
C ARG D 98 -2.03 25.48 18.70
N CYS D 99 -1.48 24.27 18.77
CA CYS D 99 -1.47 23.41 17.60
C CYS D 99 -2.90 23.11 17.18
N PRO D 100 -3.20 23.14 15.88
CA PRO D 100 -4.60 23.00 15.45
C PRO D 100 -5.25 21.69 15.85
N ALA D 101 -4.49 20.59 15.90
CA ALA D 101 -5.06 19.29 16.21
C ALA D 101 -4.30 18.64 17.35
N PRO D 102 -4.98 17.84 18.17
CA PRO D 102 -4.29 17.14 19.26
C PRO D 102 -3.63 15.85 18.78
N PHE D 103 -2.69 15.38 19.61
CA PHE D 103 -1.97 14.13 19.37
C PHE D 103 -1.24 14.14 18.02
N THR D 104 -0.68 15.30 17.66
CA THR D 104 0.05 15.45 16.42
C THR D 104 1.41 16.08 16.69
N ARG D 105 2.45 15.52 16.08
CA ARG D 105 3.78 16.10 16.21
C ARG D 105 3.91 17.37 15.37
N ASP D 106 3.35 17.35 14.16
CA ASP D 106 3.40 18.53 13.30
C ASP D 106 2.49 19.62 13.83
N CYS D 107 2.83 20.87 13.49
CA CYS D 107 2.05 22.02 13.95
C CYS D 107 2.05 23.05 12.81
N PHE D 108 0.95 23.06 12.06
CA PHE D 108 0.85 23.88 10.86
C PHE D 108 0.27 25.26 11.16
N ASP D 109 0.78 26.27 10.46
CA ASP D 109 0.16 27.58 10.34
C ASP D 109 0.07 28.36 11.64
N VAL D 110 0.91 28.05 12.62
CA VAL D 110 0.90 28.81 13.86
C VAL D 110 1.37 30.25 13.62
N THR D 111 2.33 30.43 12.72
CA THR D 111 2.87 31.75 12.41
C THR D 111 2.15 32.44 11.26
N SER D 112 1.16 31.77 10.65
CA SER D 112 0.41 32.38 9.57
C SER D 112 -0.53 33.46 10.11
N THR D 113 -0.72 34.50 9.30
CA THR D 113 -1.64 35.57 9.68
C THR D 113 -3.07 35.05 9.69
N THR D 114 -3.89 35.64 10.56
CA THR D 114 -5.29 35.24 10.78
C THR D 114 -5.38 33.75 11.11
N TYR D 115 -4.77 33.39 12.24
CA TYR D 115 -4.80 32.03 12.76
C TYR D 115 -5.81 31.96 13.90
N ALA D 116 -6.74 31.00 13.81
CA ALA D 116 -7.86 30.97 14.75
C ALA D 116 -7.40 30.68 16.18
N TYR D 117 -6.51 29.71 16.36
CA TYR D 117 -6.11 29.27 17.69
C TYR D 117 -4.90 30.03 18.20
N ARG D 118 -5.00 31.36 18.20
CA ARG D 118 -3.95 32.24 18.68
C ARG D 118 -4.56 33.33 19.56
N GLY D 119 -3.81 33.74 20.57
CA GLY D 119 -4.26 34.75 21.49
C GLY D 119 -4.16 36.16 20.90
N GLN D 120 -4.63 37.13 21.69
CA GLN D 120 -4.57 38.52 21.27
C GLN D 120 -3.15 39.07 21.33
N GLY D 121 -2.30 38.53 22.18
CA GLY D 121 -0.92 38.94 22.27
C GLY D 121 -0.72 40.06 23.28
N THR D 122 0.49 40.12 23.84
CA THR D 122 0.88 41.14 24.78
C THR D 122 2.15 41.83 24.30
N GLN D 123 2.23 43.14 24.53
CA GLN D 123 3.37 43.91 24.04
C GLN D 123 4.54 43.82 25.01
N VAL D 124 5.74 43.65 24.45
CA VAL D 124 6.97 43.68 25.22
C VAL D 124 7.89 44.69 24.56
N THR D 125 8.30 45.70 25.33
CA THR D 125 9.12 46.79 24.81
C THR D 125 10.31 47.02 25.73
N VAL D 126 11.46 47.29 25.13
CA VAL D 126 12.67 47.57 25.88
C VAL D 126 12.78 49.07 26.16
N HIS E 1 18.57 -32.07 -14.70
CA HIS E 1 18.20 -31.88 -13.30
C HIS E 1 18.48 -33.14 -12.50
N SER E 2 18.55 -32.99 -11.17
CA SER E 2 18.82 -34.13 -10.30
C SER E 2 17.68 -35.13 -10.27
N ASP E 3 16.44 -34.67 -10.51
CA ASP E 3 15.30 -35.58 -10.49
C ASP E 3 15.42 -36.64 -11.58
N GLY E 4 15.77 -36.24 -12.79
CA GLY E 4 15.93 -37.19 -13.88
C GLY E 4 17.11 -38.13 -13.65
N ILE E 5 18.19 -37.61 -13.11
CA ILE E 5 19.35 -38.45 -12.81
C ILE E 5 18.99 -39.51 -11.77
N PHE E 6 18.29 -39.10 -10.72
CA PHE E 6 17.87 -40.06 -9.71
C PHE E 6 16.89 -41.08 -10.28
N THR E 7 15.97 -40.63 -11.14
CA THR E 7 15.04 -41.57 -11.75
C THR E 7 15.77 -42.60 -12.60
N ASP E 8 16.74 -42.16 -13.39
CA ASP E 8 17.52 -43.09 -14.21
C ASP E 8 18.29 -44.07 -13.34
N SER E 9 18.93 -43.57 -12.28
CA SER E 9 19.69 -44.44 -11.39
C SER E 9 18.78 -45.46 -10.72
N TYR E 10 17.61 -45.02 -10.25
CA TYR E 10 16.68 -45.94 -9.60
C TYR E 10 16.16 -46.98 -10.57
N SER E 11 15.87 -46.58 -11.82
CA SER E 11 15.40 -47.54 -12.81
C SER E 11 16.47 -48.58 -13.11
N ARG E 12 17.72 -48.12 -13.32
CA ARG E 12 18.81 -49.06 -13.67
C ARG E 12 19.03 -50.02 -12.50
N TYR E 13 19.00 -49.51 -11.26
CA TYR E 13 19.21 -50.37 -10.07
C TYR E 13 18.08 -51.41 -10.00
N ARG E 14 16.84 -50.97 -10.23
CA ARG E 14 15.67 -51.91 -10.17
C ARG E 14 15.80 -52.96 -11.28
N LYS E 15 16.24 -52.56 -12.48
CA LYS E 15 16.39 -53.52 -13.60
C LYS E 15 17.43 -54.57 -13.22
N GLN E 16 18.54 -54.13 -12.62
CA GLN E 16 19.61 -55.09 -12.20
C GLN E 16 19.05 -56.03 -11.13
N MET E 17 18.29 -55.50 -10.17
CA MET E 17 17.74 -56.34 -9.08
C MET E 17 16.78 -57.38 -9.66
N ALA E 18 15.95 -56.96 -10.63
CA ALA E 18 14.95 -57.89 -11.22
C ALA E 18 15.68 -59.03 -11.95
N VAL E 19 16.72 -58.70 -12.71
CA VAL E 19 17.53 -59.75 -13.42
C VAL E 19 18.24 -60.62 -12.38
N LYS E 20 18.78 -60.02 -11.32
CA LYS E 20 19.53 -60.78 -10.30
C LYS E 20 18.58 -61.76 -9.59
N LYS E 21 17.44 -61.27 -9.09
CA LYS E 21 16.46 -62.16 -8.48
C LYS E 21 16.04 -63.27 -9.43
N TYR E 22 15.84 -62.92 -10.71
CA TYR E 22 15.49 -63.94 -11.70
C TYR E 22 16.59 -64.98 -11.83
N LEU E 23 17.85 -64.54 -11.91
CA LEU E 23 18.96 -65.47 -12.03
C LEU E 23 19.09 -66.34 -10.79
N ALA E 24 18.92 -65.75 -9.60
CA ALA E 24 19.00 -66.53 -8.37
C ALA E 24 17.89 -67.58 -8.31
N ALA E 25 16.68 -67.21 -8.71
CA ALA E 25 15.57 -68.17 -8.74
C ALA E 25 15.84 -69.28 -9.73
N VAL E 26 16.35 -68.94 -10.91
CA VAL E 26 16.63 -69.97 -11.92
C VAL E 26 17.83 -70.81 -11.49
N LEU E 27 18.88 -70.16 -11.01
CA LEU E 27 20.08 -70.88 -10.56
C LEU E 27 20.02 -71.14 -9.06
N GLU F 22 17.57 -54.15 -18.53
CA GLU F 22 18.17 -55.03 -19.52
C GLU F 22 17.56 -56.42 -19.47
N CYS F 23 16.27 -56.52 -19.81
CA CYS F 23 15.57 -57.80 -19.82
C CYS F 23 15.79 -58.59 -21.09
N ASP F 24 16.49 -58.03 -22.09
CA ASP F 24 16.80 -58.77 -23.30
C ASP F 24 17.70 -59.97 -23.02
N TYR F 25 18.40 -59.97 -21.89
CA TYR F 25 19.23 -61.11 -21.52
C TYR F 25 18.39 -62.37 -21.38
N VAL F 26 17.24 -62.28 -20.70
CA VAL F 26 16.35 -63.42 -20.56
C VAL F 26 15.80 -63.84 -21.93
N GLN F 27 15.52 -62.86 -22.79
CA GLN F 27 15.00 -63.17 -24.11
C GLN F 27 16.00 -63.99 -24.91
N MET F 28 17.26 -63.57 -24.93
CA MET F 28 18.26 -64.31 -25.71
C MET F 28 18.64 -65.62 -25.03
N ILE F 29 18.50 -65.70 -23.70
CA ILE F 29 18.69 -66.98 -23.02
C ILE F 29 17.61 -67.97 -23.46
N GLU F 30 16.35 -67.52 -23.53
CA GLU F 30 15.28 -68.38 -24.01
C GLU F 30 15.49 -68.75 -25.47
N VAL F 31 15.98 -67.82 -26.28
CA VAL F 31 16.27 -68.11 -27.68
C VAL F 31 17.35 -69.19 -27.79
N GLN F 32 18.41 -69.08 -26.99
CA GLN F 32 19.45 -70.10 -26.99
C GLN F 32 18.91 -71.45 -26.53
N HIS F 33 18.04 -71.44 -25.51
CA HIS F 33 17.44 -72.69 -25.05
C HIS F 33 16.62 -73.35 -26.15
N LYS F 34 15.82 -72.55 -26.86
CA LYS F 34 15.02 -73.09 -27.95
C LYS F 34 15.90 -73.63 -29.07
N GLN F 35 16.97 -72.89 -29.41
CA GLN F 35 17.87 -73.34 -30.46
C GLN F 35 18.55 -74.66 -30.09
N CYS F 36 19.01 -74.78 -28.85
CA CYS F 36 19.65 -76.01 -28.42
C CYS F 36 18.66 -77.16 -28.38
N LEU F 37 17.42 -76.91 -27.95
CA LEU F 37 16.40 -77.95 -27.96
C LEU F 37 16.12 -78.41 -29.38
N GLU F 38 16.05 -77.48 -30.33
CA GLU F 38 15.86 -77.85 -31.73
C GLU F 38 17.04 -78.67 -32.25
N GLU F 39 18.26 -78.26 -31.91
CA GLU F 39 19.45 -78.97 -32.35
C GLU F 39 19.58 -80.35 -31.71
N ALA F 40 18.97 -80.56 -30.55
CA ALA F 40 19.00 -81.86 -29.86
C ALA F 40 18.19 -82.94 -30.56
N GLN F 41 17.65 -82.69 -31.76
CA GLN F 41 16.87 -83.69 -32.48
C GLN F 41 17.74 -84.73 -33.17
N LEU F 42 19.06 -84.58 -33.15
CA LEU F 42 19.94 -85.54 -33.81
C LEU F 42 19.84 -86.91 -33.15
N GLU F 43 19.95 -87.95 -33.96
CA GLU F 43 19.86 -89.32 -33.50
C GLU F 43 21.22 -89.92 -33.14
N ASN F 44 22.28 -89.12 -33.16
CA ASN F 44 23.61 -89.62 -32.83
C ASN F 44 23.65 -90.07 -31.37
N GLU F 45 24.41 -91.14 -31.11
CA GLU F 45 24.53 -91.67 -29.76
C GLU F 45 25.17 -90.64 -28.83
N THR F 46 26.21 -89.94 -29.30
CA THR F 46 26.91 -88.91 -28.54
C THR F 46 27.45 -89.49 -27.22
N ILE F 47 28.38 -90.44 -27.36
CA ILE F 47 28.96 -91.09 -26.19
C ILE F 47 29.76 -90.07 -25.39
N GLY F 48 29.58 -90.10 -24.07
CA GLY F 48 30.26 -89.18 -23.18
C GLY F 48 29.57 -87.83 -23.08
N CYS F 49 29.74 -87.00 -24.11
CA CYS F 49 29.11 -85.68 -24.17
C CYS F 49 27.77 -85.81 -24.88
N SER F 50 26.68 -85.75 -24.12
CA SER F 50 25.35 -85.81 -24.70
C SER F 50 24.96 -84.43 -25.23
N LYS F 51 23.69 -84.26 -25.60
CA LYS F 51 23.19 -83.00 -26.14
C LYS F 51 22.01 -82.55 -25.28
N MET F 52 22.22 -81.52 -24.48
CA MET F 52 21.17 -80.95 -23.64
C MET F 52 21.60 -79.56 -23.23
N TRP F 53 20.62 -78.66 -23.11
CA TRP F 53 20.87 -77.25 -22.89
C TRP F 53 20.96 -76.96 -21.39
N ASP F 54 22.14 -76.54 -20.93
CA ASP F 54 22.33 -76.22 -19.52
C ASP F 54 21.48 -75.01 -19.14
N ASN F 55 21.18 -74.91 -17.83
CA ASN F 55 20.28 -73.86 -17.35
C ASN F 55 20.80 -72.47 -17.66
N LEU F 56 22.12 -72.32 -17.81
CA LEU F 56 22.71 -71.03 -18.13
C LEU F 56 23.52 -71.03 -19.42
N THR F 57 24.04 -72.18 -19.85
CA THR F 57 24.85 -72.24 -21.05
C THR F 57 24.37 -73.34 -22.00
N CYS F 58 25.13 -73.58 -23.07
CA CYS F 58 24.84 -74.66 -24.00
C CYS F 58 26.16 -75.25 -24.48
N TRP F 59 26.11 -76.50 -24.93
CA TRP F 59 27.31 -77.19 -25.36
C TRP F 59 26.98 -78.22 -26.44
N PRO F 60 27.58 -78.12 -27.62
CA PRO F 60 27.29 -79.07 -28.69
C PRO F 60 27.85 -80.45 -28.37
N ALA F 61 27.27 -81.46 -29.02
CA ALA F 61 27.70 -82.84 -28.81
C ALA F 61 29.12 -83.05 -29.34
N THR F 62 29.96 -83.66 -28.53
CA THR F 62 31.34 -83.94 -28.86
C THR F 62 31.68 -85.37 -28.49
N PRO F 63 32.67 -85.97 -29.13
CA PRO F 63 33.09 -87.33 -28.77
C PRO F 63 33.71 -87.36 -27.37
N ARG F 64 33.98 -88.58 -26.91
CA ARG F 64 34.56 -88.77 -25.59
C ARG F 64 35.95 -88.16 -25.51
N GLY F 65 36.27 -87.58 -24.35
CA GLY F 65 37.55 -86.96 -24.13
C GLY F 65 37.69 -85.56 -24.68
N GLN F 66 36.63 -84.96 -25.20
CA GLN F 66 36.69 -83.62 -25.75
C GLN F 66 36.20 -82.62 -24.71
N VAL F 67 37.09 -81.74 -24.29
CA VAL F 67 36.79 -80.67 -23.33
C VAL F 67 37.27 -79.35 -23.92
N VAL F 68 36.49 -78.29 -23.71
CA VAL F 68 36.82 -76.99 -24.27
C VAL F 68 36.82 -75.95 -23.15
N VAL F 69 37.24 -74.74 -23.50
CA VAL F 69 37.32 -73.62 -22.56
C VAL F 69 36.52 -72.46 -23.14
N LEU F 70 35.61 -71.91 -22.32
CA LEU F 70 34.79 -70.78 -22.74
C LEU F 70 34.81 -69.69 -21.68
N ALA F 71 33.97 -68.67 -21.84
CA ALA F 71 33.86 -67.56 -20.90
C ALA F 71 32.50 -67.58 -20.23
N CYS F 72 32.42 -66.89 -19.10
CA CYS F 72 31.17 -66.79 -18.36
C CYS F 72 30.15 -66.02 -19.21
N PRO F 73 28.86 -66.38 -19.12
CA PRO F 73 27.86 -65.74 -19.98
C PRO F 73 27.76 -64.24 -19.74
N LEU F 74 27.37 -63.52 -20.79
CA LEU F 74 27.29 -62.07 -20.73
C LEU F 74 26.30 -61.61 -19.67
N ILE F 75 25.22 -62.36 -19.47
CA ILE F 75 24.25 -62.01 -18.43
C ILE F 75 24.93 -61.94 -17.07
N PHE F 76 25.71 -62.96 -16.72
CA PHE F 76 26.45 -62.94 -15.48
C PHE F 76 27.56 -61.89 -15.49
N LYS F 77 27.98 -61.45 -16.67
CA LYS F 77 28.91 -60.33 -16.76
C LYS F 77 28.29 -59.03 -16.30
N LEU F 78 26.95 -58.94 -16.28
CA LEU F 78 26.30 -57.72 -15.83
C LEU F 78 26.60 -57.44 -14.36
N PHE F 79 26.59 -58.49 -13.52
CA PHE F 79 26.72 -58.25 -12.06
C PHE F 79 28.13 -58.57 -11.53
N SER F 80 29.03 -59.02 -12.39
CA SER F 80 30.37 -59.41 -11.94
C SER F 80 31.33 -58.24 -12.05
N SER F 81 32.11 -58.01 -10.98
CA SER F 81 33.12 -56.97 -11.01
C SER F 81 34.20 -57.27 -12.05
N ILE F 82 34.64 -58.53 -12.13
CA ILE F 82 35.67 -58.95 -13.07
C ILE F 82 35.09 -60.06 -13.93
N GLN F 83 35.30 -59.95 -15.25
CA GLN F 83 34.78 -60.91 -16.21
C GLN F 83 35.94 -61.56 -16.96
N GLY F 84 35.59 -62.35 -17.98
CA GLY F 84 36.59 -63.01 -18.79
C GLY F 84 37.20 -64.26 -18.19
N ARG F 85 36.64 -64.78 -17.10
CA ARG F 85 37.18 -65.99 -16.49
C ARG F 85 36.99 -67.19 -17.39
N ASN F 86 37.93 -68.13 -17.31
CA ASN F 86 37.88 -69.34 -18.12
C ASN F 86 37.04 -70.40 -17.42
N VAL F 87 36.10 -70.99 -18.14
CA VAL F 87 35.23 -72.04 -17.61
C VAL F 87 35.39 -73.27 -18.49
N SER F 88 35.58 -74.42 -17.86
CA SER F 88 35.75 -75.66 -18.60
C SER F 88 34.39 -76.23 -19.02
N ARG F 89 34.40 -76.95 -20.14
CA ARG F 89 33.23 -77.66 -20.64
C ARG F 89 33.63 -79.09 -20.93
N SER F 90 32.96 -80.04 -20.27
CA SER F 90 33.32 -81.45 -20.32
C SER F 90 32.06 -82.28 -20.53
N CYS F 91 32.25 -83.61 -20.49
CA CYS F 91 31.17 -84.57 -20.73
C CYS F 91 30.51 -84.96 -19.42
N THR F 92 29.48 -84.21 -19.02
CA THR F 92 28.66 -84.55 -17.86
C THR F 92 27.21 -84.23 -18.17
N ASP F 93 26.31 -84.80 -17.37
CA ASP F 93 24.88 -84.55 -17.58
C ASP F 93 24.55 -83.07 -17.38
N GLU F 94 24.95 -82.50 -16.25
CA GLU F 94 24.71 -81.09 -15.97
C GLU F 94 25.59 -80.61 -14.82
N GLY F 95 26.36 -79.56 -15.06
CA GLY F 95 27.20 -79.00 -14.00
C GLY F 95 28.25 -80.00 -13.55
N TRP F 96 28.20 -80.33 -12.25
CA TRP F 96 29.13 -81.29 -11.64
C TRP F 96 30.59 -80.84 -11.81
N THR F 97 30.82 -79.54 -11.69
CA THR F 97 32.15 -78.93 -11.74
C THR F 97 32.91 -79.25 -13.02
N HIS F 98 32.20 -79.68 -14.08
CA HIS F 98 32.82 -79.94 -15.37
C HIS F 98 32.23 -79.08 -16.48
N LEU F 99 30.91 -78.99 -16.57
CA LEU F 99 30.30 -78.01 -17.46
C LEU F 99 30.59 -76.59 -16.98
N GLU F 100 30.77 -76.42 -15.68
CA GLU F 100 31.19 -75.16 -15.09
C GLU F 100 31.94 -75.47 -13.80
N PRO F 101 33.27 -75.34 -13.79
CA PRO F 101 34.07 -75.81 -12.65
C PRO F 101 33.94 -74.89 -11.44
N GLY F 102 33.22 -75.37 -10.42
CA GLY F 102 33.06 -74.63 -9.20
C GLY F 102 31.79 -73.81 -9.17
N PRO F 103 31.23 -73.61 -7.98
CA PRO F 103 30.05 -72.74 -7.85
C PRO F 103 30.35 -71.29 -8.20
N TYR F 104 31.60 -70.85 -8.10
CA TYR F 104 31.93 -69.46 -8.38
C TYR F 104 31.64 -69.07 -9.83
N PRO F 105 32.06 -69.82 -10.85
CA PRO F 105 31.58 -69.51 -12.21
C PRO F 105 30.08 -69.62 -12.37
N ILE F 106 29.43 -70.53 -11.62
CA ILE F 106 27.98 -70.63 -11.65
C ILE F 106 27.35 -69.34 -11.15
N ALA F 107 28.06 -68.61 -10.29
CA ALA F 107 27.58 -67.39 -9.66
C ALA F 107 28.54 -66.24 -9.93
N CYS F 108 28.87 -66.04 -11.20
CA CYS F 108 29.83 -65.00 -11.59
C CYS F 108 29.48 -63.66 -10.97
N GLY F 109 28.22 -63.24 -11.09
CA GLY F 109 27.81 -61.95 -10.58
C GLY F 109 27.42 -61.95 -9.12
N LEU F 110 26.78 -63.04 -8.67
CA LEU F 110 26.33 -63.11 -7.28
C LEU F 110 27.52 -63.13 -6.32
N ASP F 111 28.58 -63.86 -6.65
CA ASP F 111 29.73 -63.95 -5.77
C ASP F 111 30.56 -62.66 -5.80
N ASP F 112 30.73 -62.07 -6.98
CA ASP F 112 31.52 -60.85 -7.09
C ASP F 112 30.91 -59.71 -6.31
N LYS F 113 29.59 -59.55 -6.47
CA LYS F 113 28.87 -58.41 -5.84
C LYS F 113 28.83 -58.58 -4.32
N ALA F 114 28.80 -57.47 -3.58
CA ALA F 114 28.67 -57.55 -2.12
C ALA F 114 27.21 -57.29 -1.79
N ALA F 115 26.62 -58.15 -0.95
CA ALA F 115 25.23 -57.91 -0.51
C ALA F 115 25.22 -56.55 0.19
N SER F 116 26.33 -56.24 0.84
CA SER F 116 26.46 -54.95 1.56
C SER F 116 26.26 -53.79 0.59
N LEU F 117 27.01 -53.75 -0.51
CA LEU F 117 26.88 -52.56 -1.38
C LEU F 117 25.45 -52.47 -1.91
N ASP F 118 24.86 -53.63 -2.23
CA ASP F 118 23.45 -53.67 -2.73
C ASP F 118 22.51 -53.23 -1.61
N GLU F 119 22.74 -53.71 -0.37
CA GLU F 119 21.89 -53.30 0.77
C GLU F 119 22.05 -51.80 1.01
N GLN F 120 23.28 -51.29 0.98
CA GLN F 120 23.53 -49.85 1.20
C GLN F 120 22.84 -49.07 0.08
N GLN F 121 22.89 -49.58 -1.15
CA GLN F 121 22.20 -48.91 -2.27
C GLN F 121 20.70 -48.89 -1.96
N THR F 122 20.14 -49.97 -1.47
CA THR F 122 18.68 -49.96 -1.25
C THR F 122 18.36 -48.88 -0.23
N MET F 123 19.20 -48.76 0.79
CA MET F 123 18.98 -47.76 1.85
C MET F 123 19.05 -46.35 1.27
N PHE F 124 20.00 -46.10 0.39
CA PHE F 124 20.15 -44.76 -0.24
C PHE F 124 18.93 -44.50 -1.12
N TYR F 125 18.64 -45.39 -2.04
CA TYR F 125 17.55 -45.10 -3.01
C TYR F 125 16.24 -44.97 -2.26
N GLY F 126 16.09 -45.63 -1.11
CA GLY F 126 14.88 -45.48 -0.31
C GLY F 126 14.87 -44.26 0.58
N SER F 127 15.93 -44.02 1.36
CA SER F 127 16.00 -42.81 2.16
C SER F 127 15.80 -41.57 1.28
N VAL F 128 16.47 -41.53 0.13
CA VAL F 128 16.29 -40.37 -0.77
C VAL F 128 14.86 -40.29 -1.27
N LYS F 129 14.27 -41.43 -1.63
CA LYS F 129 12.91 -41.45 -2.13
C LYS F 129 11.94 -40.91 -1.09
N THR F 130 11.98 -41.44 0.13
CA THR F 130 11.08 -40.95 1.16
C THR F 130 11.37 -39.50 1.53
N GLY F 131 12.64 -39.08 1.46
CA GLY F 131 12.97 -37.70 1.77
C GLY F 131 12.34 -36.72 0.80
N TYR F 132 12.54 -36.94 -0.51
CA TYR F 132 11.96 -35.97 -1.42
C TYR F 132 10.45 -36.16 -1.54
N THR F 133 9.93 -37.36 -1.26
CA THR F 133 8.48 -37.52 -1.21
C THR F 133 7.88 -36.67 -0.10
N ILE F 134 8.48 -36.72 1.10
CA ILE F 134 8.00 -35.90 2.21
C ILE F 134 8.15 -34.42 1.86
N GLY F 135 9.29 -34.04 1.29
CA GLY F 135 9.49 -32.64 0.95
C GLY F 135 8.47 -32.13 -0.05
N TYR F 136 8.24 -32.89 -1.12
CA TYR F 136 7.28 -32.48 -2.14
C TYR F 136 5.86 -32.47 -1.60
N GLY F 137 5.50 -33.45 -0.77
CA GLY F 137 4.18 -33.46 -0.19
C GLY F 137 3.92 -32.27 0.72
N LEU F 138 4.89 -31.96 1.59
CA LEU F 138 4.74 -30.79 2.46
C LEU F 138 4.69 -29.51 1.64
N SER F 139 5.54 -29.41 0.61
CA SER F 139 5.53 -28.22 -0.25
C SER F 139 4.19 -28.06 -0.95
N LEU F 140 3.64 -29.15 -1.49
CA LEU F 140 2.35 -29.08 -2.17
C LEU F 140 1.25 -28.68 -1.20
N ALA F 141 1.24 -29.28 -0.01
CA ALA F 141 0.20 -28.98 0.97
C ALA F 141 0.25 -27.52 1.39
N THR F 142 1.45 -26.98 1.61
CA THR F 142 1.57 -25.57 2.00
C THR F 142 1.25 -24.64 0.85
N LEU F 143 1.69 -24.99 -0.37
CA LEU F 143 1.51 -24.10 -1.50
C LEU F 143 0.06 -24.06 -1.97
N LEU F 144 -0.70 -25.14 -1.75
CA LEU F 144 -2.13 -25.09 -2.09
C LEU F 144 -2.85 -24.01 -1.29
N VAL F 145 -2.66 -24.02 0.03
CA VAL F 145 -3.31 -23.00 0.86
C VAL F 145 -2.70 -21.63 0.61
N ALA F 146 -1.40 -21.57 0.29
CA ALA F 146 -0.78 -20.29 -0.03
C ALA F 146 -1.42 -19.67 -1.28
N THR F 147 -1.59 -20.47 -2.33
CA THR F 147 -2.22 -19.99 -3.54
C THR F 147 -3.67 -19.62 -3.30
N ALA F 148 -4.38 -20.42 -2.50
CA ALA F 148 -5.77 -20.09 -2.18
C ALA F 148 -5.87 -18.76 -1.46
N ILE F 149 -4.99 -18.52 -0.48
CA ILE F 149 -4.99 -17.26 0.24
C ILE F 149 -4.66 -16.10 -0.70
N LEU F 150 -3.63 -16.28 -1.53
CA LEU F 150 -3.18 -15.18 -2.43
C LEU F 150 -4.23 -14.86 -3.49
N SER F 151 -5.04 -15.86 -3.89
CA SER F 151 -5.99 -15.67 -4.98
C SER F 151 -7.38 -15.28 -4.52
N LEU F 152 -7.80 -15.69 -3.32
CA LEU F 152 -9.14 -15.36 -2.85
C LEU F 152 -9.24 -13.90 -2.44
N PHE F 153 -8.20 -13.36 -1.80
CA PHE F 153 -8.22 -11.99 -1.32
C PHE F 153 -7.92 -11.04 -2.48
N ARG F 154 -8.91 -10.24 -2.88
CA ARG F 154 -8.74 -9.32 -3.99
C ARG F 154 -7.82 -8.16 -3.65
N LYS F 155 -7.63 -7.85 -2.37
CA LYS F 155 -6.75 -6.75 -1.98
C LYS F 155 -5.30 -7.04 -2.36
N LEU F 156 -4.89 -8.30 -2.33
CA LEU F 156 -3.52 -8.68 -2.66
C LEU F 156 -3.27 -8.82 -4.16
N HIS F 157 -4.29 -8.60 -4.98
CA HIS F 157 -4.15 -8.78 -6.43
C HIS F 157 -3.23 -7.71 -6.99
N CYS F 158 -2.03 -8.12 -7.40
CA CYS F 158 -1.09 -7.23 -8.06
C CYS F 158 -0.17 -8.08 -8.94
N THR F 159 0.63 -7.40 -9.76
CA THR F 159 1.51 -8.11 -10.68
C THR F 159 2.50 -8.99 -9.94
N ARG F 160 3.09 -8.43 -8.87
CA ARG F 160 4.07 -9.20 -8.05
C ARG F 160 3.40 -10.50 -7.58
N ASN F 161 2.22 -10.38 -6.98
CA ASN F 161 1.50 -11.57 -6.45
C ASN F 161 1.11 -12.52 -7.59
N TYR F 162 0.72 -12.00 -8.75
CA TYR F 162 0.37 -12.86 -9.91
C TYR F 162 1.58 -13.70 -10.32
N ILE F 163 2.75 -13.07 -10.40
CA ILE F 163 4.01 -13.79 -10.77
C ILE F 163 4.31 -14.83 -9.67
N HIS F 164 3.86 -14.55 -8.44
CA HIS F 164 4.15 -15.47 -7.31
C HIS F 164 3.14 -16.62 -7.36
N MET F 165 1.89 -16.33 -7.71
CA MET F 165 0.86 -17.40 -7.84
C MET F 165 1.31 -18.40 -8.90
N HIS F 166 1.85 -17.92 -10.02
CA HIS F 166 2.37 -18.81 -11.07
C HIS F 166 3.56 -19.61 -10.55
N LEU F 167 4.42 -19.00 -9.73
CA LEU F 167 5.57 -19.72 -9.13
C LEU F 167 5.02 -20.84 -8.25
N PHE F 168 3.90 -20.58 -7.55
CA PHE F 168 3.35 -21.54 -6.58
C PHE F 168 2.60 -22.62 -7.36
N ILE F 169 2.01 -22.26 -8.50
CA ILE F 169 1.37 -23.26 -9.34
C ILE F 169 2.42 -24.12 -10.04
N SER F 170 3.52 -23.51 -10.45
CA SER F 170 4.60 -24.29 -11.06
C SER F 170 5.18 -25.29 -10.06
N PHE F 171 5.39 -24.85 -8.81
CA PHE F 171 5.88 -25.77 -7.78
C PHE F 171 4.89 -26.91 -7.54
N ILE F 172 3.60 -26.58 -7.47
CA ILE F 172 2.58 -27.59 -7.23
C ILE F 172 2.55 -28.60 -8.37
N LEU F 173 2.63 -28.11 -9.61
CA LEU F 173 2.66 -29.01 -10.76
C LEU F 173 3.90 -29.88 -10.77
N ARG F 174 5.04 -29.32 -10.37
CA ARG F 174 6.26 -30.11 -10.28
C ARG F 174 6.11 -31.25 -9.27
N ALA F 175 5.56 -30.94 -8.08
CA ALA F 175 5.37 -31.97 -7.07
C ALA F 175 4.40 -33.03 -7.54
N ALA F 176 3.28 -32.61 -8.15
CA ALA F 176 2.30 -33.57 -8.64
C ALA F 176 2.88 -34.46 -9.73
N ALA F 177 3.67 -33.87 -10.64
CA ALA F 177 4.29 -34.66 -11.70
C ALA F 177 5.29 -35.65 -11.15
N VAL F 178 6.06 -35.25 -10.13
CA VAL F 178 7.00 -36.18 -9.50
C VAL F 178 6.24 -37.34 -8.87
N PHE F 179 5.14 -37.04 -8.17
CA PHE F 179 4.35 -38.11 -7.56
C PHE F 179 3.77 -39.06 -8.62
N ILE F 180 3.24 -38.49 -9.72
CA ILE F 180 2.67 -39.30 -10.77
C ILE F 180 3.73 -40.18 -11.41
N LYS F 181 4.92 -39.62 -11.65
CA LYS F 181 6.02 -40.40 -12.22
C LYS F 181 6.43 -41.52 -11.28
N ASP F 182 6.49 -41.24 -9.98
CA ASP F 182 6.85 -42.28 -9.01
C ASP F 182 5.82 -43.41 -9.02
N LEU F 183 4.53 -43.07 -9.06
CA LEU F 183 3.49 -44.10 -9.09
C LEU F 183 3.54 -44.90 -10.39
N ALA F 184 3.74 -44.24 -11.52
CA ALA F 184 3.68 -44.92 -12.81
C ALA F 184 4.94 -45.73 -13.11
N LEU F 185 6.09 -45.32 -12.57
CA LEU F 185 7.36 -45.94 -12.93
C LEU F 185 7.74 -47.08 -11.98
N PHE F 186 7.71 -46.83 -10.68
CA PHE F 186 8.26 -47.75 -9.69
C PHE F 186 7.19 -48.43 -8.84
N ASP F 187 6.11 -47.72 -8.48
CA ASP F 187 5.05 -48.33 -7.68
C ASP F 187 4.35 -49.46 -8.43
N SER F 188 4.12 -49.29 -9.72
CA SER F 188 3.51 -50.32 -10.56
C SER F 188 4.45 -50.64 -11.70
N GLY F 189 4.62 -51.93 -11.98
CA GLY F 189 5.55 -52.34 -13.02
C GLY F 189 6.94 -52.63 -12.51
N GLU F 190 7.03 -53.52 -11.52
CA GLU F 190 8.33 -53.82 -10.91
C GLU F 190 9.31 -54.39 -11.92
N SER F 191 8.83 -55.29 -12.78
CA SER F 191 9.68 -55.91 -13.81
C SER F 191 9.16 -55.74 -15.23
N ASP F 192 7.85 -55.58 -15.42
CA ASP F 192 7.28 -55.47 -16.75
C ASP F 192 7.54 -54.11 -17.40
N GLN F 193 7.97 -53.11 -16.64
CA GLN F 193 8.23 -51.80 -17.22
C GLN F 193 9.36 -51.85 -18.23
N CYS F 194 10.43 -52.60 -17.92
CA CYS F 194 11.52 -52.75 -18.88
C CYS F 194 11.10 -53.55 -20.09
N SER F 195 10.29 -54.60 -19.88
CA SER F 195 9.87 -55.45 -20.98
C SER F 195 9.02 -54.70 -21.99
N GLU F 196 8.06 -53.90 -21.51
CA GLU F 196 7.18 -53.14 -22.39
C GLU F 196 7.04 -51.72 -21.87
N GLY F 197 7.09 -50.77 -22.79
CA GLY F 197 6.94 -49.36 -22.44
C GLY F 197 5.52 -48.86 -22.66
N SER F 198 4.76 -48.71 -21.57
CA SER F 198 3.39 -48.27 -21.68
C SER F 198 3.31 -46.83 -22.14
N VAL F 199 2.23 -46.49 -22.85
CA VAL F 199 2.03 -45.13 -23.31
C VAL F 199 1.85 -44.19 -22.12
N GLY F 200 1.10 -44.62 -21.10
CA GLY F 200 0.93 -43.81 -19.92
C GLY F 200 2.24 -43.52 -19.21
N CYS F 201 3.16 -44.49 -19.21
CA CYS F 201 4.48 -44.27 -18.61
C CYS F 201 5.22 -43.14 -19.31
N LYS F 202 5.24 -43.17 -20.64
CA LYS F 202 5.91 -42.11 -21.39
C LYS F 202 5.22 -40.76 -21.21
N ALA F 203 3.89 -40.77 -21.15
CA ALA F 203 3.16 -39.53 -20.91
C ALA F 203 3.49 -38.95 -19.54
N ALA F 204 3.58 -39.81 -18.52
CA ALA F 204 3.95 -39.35 -17.19
C ALA F 204 5.38 -38.79 -17.18
N MET F 205 6.30 -39.45 -17.88
CA MET F 205 7.66 -38.93 -17.96
C MET F 205 7.70 -37.57 -18.64
N VAL F 206 6.94 -37.41 -19.73
CA VAL F 206 6.90 -36.13 -20.43
C VAL F 206 6.34 -35.04 -19.53
N PHE F 207 5.25 -35.36 -18.82
CA PHE F 207 4.66 -34.39 -17.90
C PHE F 207 5.62 -34.00 -16.79
N PHE F 208 6.36 -34.99 -16.26
CA PHE F 208 7.33 -34.73 -15.21
C PHE F 208 8.44 -33.79 -15.70
N GLN F 209 8.99 -34.07 -16.89
CA GLN F 209 10.03 -33.21 -17.44
C GLN F 209 9.51 -31.80 -17.68
N TYR F 210 8.29 -31.69 -18.23
CA TYR F 210 7.72 -30.37 -18.49
C TYR F 210 7.51 -29.60 -17.20
N CYS F 211 7.01 -30.26 -16.16
CA CYS F 211 6.77 -29.56 -14.89
C CYS F 211 8.07 -29.10 -14.25
N VAL F 212 9.11 -29.94 -14.29
CA VAL F 212 10.39 -29.55 -13.71
C VAL F 212 10.95 -28.33 -14.46
N MET F 213 10.92 -28.39 -15.79
CA MET F 213 11.46 -27.27 -16.57
C MET F 213 10.64 -26.01 -16.37
N ALA F 214 9.31 -26.15 -16.23
CA ALA F 214 8.46 -24.99 -15.98
C ALA F 214 8.76 -24.36 -14.63
N ASN F 215 9.01 -25.18 -13.61
CA ASN F 215 9.37 -24.64 -12.30
C ASN F 215 10.68 -23.88 -12.38
N PHE F 216 11.68 -24.44 -13.07
CA PHE F 216 12.95 -23.74 -13.22
C PHE F 216 12.77 -22.42 -13.96
N PHE F 217 11.99 -22.43 -15.04
CA PHE F 217 11.79 -21.21 -15.82
C PHE F 217 10.96 -20.19 -15.05
N TRP F 218 10.11 -20.64 -14.12
CA TRP F 218 9.38 -19.63 -13.31
C TRP F 218 10.29 -19.09 -12.19
N LEU F 219 11.31 -19.86 -11.80
CA LEU F 219 12.31 -19.32 -10.84
C LEU F 219 13.08 -18.23 -11.58
N LEU F 220 13.40 -18.49 -12.86
CA LEU F 220 14.11 -17.49 -13.70
C LEU F 220 13.22 -16.26 -13.88
N VAL F 221 11.91 -16.47 -14.08
CA VAL F 221 10.97 -15.32 -14.30
C VAL F 221 10.96 -14.44 -13.04
N GLU F 222 11.00 -15.07 -11.86
CA GLU F 222 11.04 -14.27 -10.60
C GLU F 222 12.29 -13.40 -10.60
N GLY F 223 13.44 -13.97 -10.99
CA GLY F 223 14.67 -13.17 -11.08
C GLY F 223 14.56 -12.07 -12.12
N LEU F 224 14.00 -12.39 -13.29
CA LEU F 224 13.84 -11.39 -14.38
C LEU F 224 12.88 -10.30 -13.92
N TYR F 225 11.77 -10.66 -13.27
CA TYR F 225 10.75 -9.67 -12.86
C TYR F 225 11.36 -8.69 -11.85
N LEU F 226 12.13 -9.21 -10.89
CA LEU F 226 12.68 -8.32 -9.83
C LEU F 226 13.81 -7.47 -10.43
N TYR F 227 14.63 -8.06 -11.32
CA TYR F 227 15.70 -7.27 -11.94
C TYR F 227 15.13 -6.17 -12.82
N THR F 228 14.06 -6.45 -13.55
CA THR F 228 13.42 -5.44 -14.38
C THR F 228 12.76 -4.35 -13.55
N LEU F 229 12.15 -4.71 -12.41
CA LEU F 229 11.60 -3.70 -11.52
C LEU F 229 12.68 -2.80 -10.93
N LEU F 230 13.84 -3.35 -10.58
CA LEU F 230 14.87 -2.55 -9.93
C LEU F 230 15.72 -1.78 -10.93
N ALA F 231 16.39 -2.49 -11.84
CA ALA F 231 17.37 -1.87 -12.72
C ALA F 231 16.72 -0.90 -13.70
N VAL F 232 15.63 -1.31 -14.34
CA VAL F 232 14.95 -0.43 -15.29
C VAL F 232 14.29 0.72 -14.54
N SER F 233 14.42 1.93 -15.07
CA SER F 233 13.95 3.13 -14.37
C SER F 233 12.45 3.06 -14.09
N PHE F 234 11.64 3.09 -15.15
CA PHE F 234 10.18 3.02 -15.05
C PHE F 234 9.70 2.15 -16.19
N PHE F 235 9.59 0.85 -15.94
CA PHE F 235 9.28 -0.12 -16.97
C PHE F 235 7.80 -0.25 -17.28
N SER F 236 6.93 0.01 -16.31
CA SER F 236 5.49 -0.23 -16.45
C SER F 236 5.25 -1.68 -16.86
N GLU F 237 5.59 -2.58 -15.94
CA GLU F 237 5.70 -4.00 -16.23
C GLU F 237 4.39 -4.64 -16.62
N ARG F 238 3.26 -3.95 -16.41
CA ARG F 238 1.96 -4.55 -16.70
C ARG F 238 1.81 -4.88 -18.17
N LYS F 239 2.41 -4.08 -19.06
CA LYS F 239 2.21 -4.27 -20.49
C LYS F 239 3.01 -5.46 -21.03
N TYR F 240 4.05 -5.90 -20.32
CA TYR F 240 4.74 -7.14 -20.64
C TYR F 240 4.48 -8.26 -19.62
N PHE F 241 3.30 -8.30 -19.01
CA PHE F 241 2.97 -9.45 -18.18
C PHE F 241 2.79 -10.71 -19.02
N TRP F 242 2.17 -10.57 -20.20
CA TRP F 242 1.99 -11.72 -21.08
C TRP F 242 3.32 -12.31 -21.53
N GLY F 243 4.33 -11.45 -21.70
CA GLY F 243 5.66 -11.96 -22.03
C GLY F 243 6.24 -12.82 -20.91
N TYR F 244 6.04 -12.40 -19.66
CA TYR F 244 6.48 -13.21 -18.53
C TYR F 244 5.74 -14.53 -18.50
N ILE F 245 4.43 -14.52 -18.75
CA ILE F 245 3.67 -15.77 -18.78
C ILE F 245 4.20 -16.67 -19.90
N LEU F 246 4.49 -16.08 -21.06
CA LEU F 246 4.99 -16.86 -22.19
C LEU F 246 6.32 -17.52 -21.85
N ILE F 247 7.29 -16.75 -21.35
CA ILE F 247 8.58 -17.34 -21.04
C ILE F 247 8.47 -18.35 -19.92
N GLY F 248 7.52 -18.14 -18.99
CA GLY F 248 7.34 -19.10 -17.90
C GLY F 248 6.78 -20.43 -18.36
N TRP F 249 5.81 -20.40 -19.28
CA TRP F 249 5.07 -21.61 -19.62
C TRP F 249 5.41 -22.18 -20.99
N GLY F 250 5.34 -21.37 -22.05
CA GLY F 250 5.45 -21.91 -23.40
C GLY F 250 6.82 -22.49 -23.73
N VAL F 251 7.88 -21.80 -23.33
CA VAL F 251 9.24 -22.27 -23.64
C VAL F 251 9.50 -23.65 -23.05
N PRO F 252 9.18 -23.94 -21.77
CA PRO F 252 9.29 -25.32 -21.31
C PRO F 252 8.45 -26.29 -22.11
N SER F 253 7.25 -25.87 -22.55
CA SER F 253 6.44 -26.74 -23.39
C SER F 253 7.10 -27.01 -24.72
N THR F 254 7.70 -25.99 -25.33
CA THR F 254 8.38 -26.17 -26.61
C THR F 254 9.54 -27.14 -26.47
N PHE F 255 10.36 -26.96 -25.43
CA PHE F 255 11.50 -27.86 -25.23
C PHE F 255 11.04 -29.27 -24.91
N THR F 256 9.96 -29.41 -24.14
CA THR F 256 9.44 -30.74 -23.83
C THR F 256 8.93 -31.44 -25.09
N MET F 257 8.24 -30.70 -25.96
CA MET F 257 7.78 -31.30 -27.21
C MET F 257 8.95 -31.70 -28.09
N VAL F 258 9.99 -30.87 -28.16
CA VAL F 258 11.18 -31.22 -28.95
C VAL F 258 11.83 -32.49 -28.39
N TRP F 259 11.95 -32.57 -27.07
CA TRP F 259 12.53 -33.76 -26.44
C TRP F 259 11.68 -35.00 -26.72
N THR F 260 10.36 -34.86 -26.65
CA THR F 260 9.47 -35.99 -26.93
C THR F 260 9.62 -36.46 -28.37
N ILE F 261 9.70 -35.52 -29.31
CA ILE F 261 9.89 -35.89 -30.71
C ILE F 261 11.22 -36.60 -30.90
N ALA F 262 12.28 -36.08 -30.27
CA ALA F 262 13.59 -36.71 -30.39
C ALA F 262 13.59 -38.12 -29.81
N ARG F 263 12.95 -38.30 -28.65
CA ARG F 263 12.88 -39.64 -28.05
C ARG F 263 12.08 -40.59 -28.92
N ILE F 264 10.97 -40.12 -29.51
CA ILE F 264 10.15 -40.97 -30.36
C ILE F 264 10.94 -41.40 -31.59
N HIS F 265 11.65 -40.46 -32.23
CA HIS F 265 12.32 -40.75 -33.48
C HIS F 265 13.69 -41.41 -33.31
N PHE F 266 14.28 -41.36 -32.13
CA PHE F 266 15.64 -41.88 -32.01
C PHE F 266 15.82 -42.87 -30.87
N GLU F 267 15.19 -42.63 -29.72
CA GLU F 267 15.47 -43.40 -28.51
C GLU F 267 14.18 -43.84 -27.82
N ASP F 268 13.26 -44.40 -28.61
CA ASP F 268 11.99 -44.90 -28.07
C ASP F 268 12.25 -46.24 -27.38
N TYR F 269 12.92 -46.17 -26.24
CA TYR F 269 13.28 -47.35 -25.46
C TYR F 269 12.63 -47.26 -24.08
N GLY F 270 11.92 -48.33 -23.70
CA GLY F 270 11.35 -48.41 -22.36
C GLY F 270 10.40 -47.27 -22.06
N CYS F 271 10.59 -46.65 -20.90
CA CYS F 271 9.74 -45.56 -20.42
C CYS F 271 10.37 -44.19 -20.64
N TRP F 272 11.44 -44.10 -21.44
CA TRP F 272 12.19 -42.86 -21.64
C TRP F 272 12.75 -42.33 -20.33
N ASP F 273 12.99 -43.22 -19.36
CA ASP F 273 13.49 -42.84 -18.06
C ASP F 273 14.99 -43.10 -17.90
N THR F 274 15.70 -43.35 -18.99
CA THR F 274 17.12 -43.62 -18.96
C THR F 274 17.87 -42.57 -19.76
N ILE F 275 19.07 -42.22 -19.29
CA ILE F 275 19.92 -41.21 -19.93
C ILE F 275 21.07 -41.95 -20.59
N ASN F 276 20.99 -42.10 -21.92
CA ASN F 276 22.06 -42.73 -22.69
C ASN F 276 22.69 -41.76 -23.68
N SER F 277 21.90 -41.15 -24.55
CA SER F 277 22.40 -40.30 -25.61
C SER F 277 22.44 -38.85 -25.15
N SER F 278 22.67 -37.93 -26.10
CA SER F 278 22.70 -36.51 -25.82
C SER F 278 21.32 -35.87 -25.79
N LEU F 279 20.26 -36.64 -26.04
CA LEU F 279 18.91 -36.09 -25.98
C LEU F 279 18.57 -35.58 -24.59
N TRP F 280 19.25 -36.10 -23.57
CA TRP F 280 19.09 -35.57 -22.22
C TRP F 280 19.42 -34.09 -22.16
N TRP F 281 20.42 -33.66 -22.95
CA TRP F 281 20.78 -32.24 -23.00
C TRP F 281 19.70 -31.38 -23.62
N ILE F 282 18.69 -31.98 -24.25
CA ILE F 282 17.53 -31.20 -24.67
C ILE F 282 16.79 -30.67 -23.45
N ILE F 283 16.77 -31.43 -22.35
CA ILE F 283 16.15 -31.00 -21.11
C ILE F 283 17.17 -30.36 -20.17
N LYS F 284 18.32 -31.01 -19.99
CA LYS F 284 19.34 -30.48 -19.08
C LYS F 284 19.96 -29.20 -19.60
N GLY F 285 19.94 -28.99 -20.92
CA GLY F 285 20.58 -27.85 -21.53
C GLY F 285 20.00 -26.51 -21.11
N PRO F 286 18.75 -26.24 -21.52
CA PRO F 286 18.16 -24.93 -21.19
C PRO F 286 18.08 -24.66 -19.69
N ILE F 287 17.67 -25.66 -18.90
CA ILE F 287 17.46 -25.44 -17.47
C ILE F 287 18.74 -24.90 -16.84
N LEU F 288 19.86 -25.58 -17.09
CA LEU F 288 21.15 -25.11 -16.59
C LEU F 288 21.37 -23.65 -16.94
N THR F 289 21.19 -23.31 -18.23
CA THR F 289 21.38 -21.92 -18.65
C THR F 289 20.50 -21.00 -17.83
N SER F 290 19.23 -21.36 -17.68
CA SER F 290 18.32 -20.55 -16.87
C SER F 290 18.91 -20.31 -15.49
N ILE F 291 19.36 -21.39 -14.84
CA ILE F 291 19.96 -21.24 -13.51
C ILE F 291 21.10 -20.25 -13.57
N LEU F 292 22.00 -20.42 -14.53
CA LEU F 292 23.11 -19.49 -14.68
C LEU F 292 22.60 -18.07 -14.80
N VAL F 293 21.65 -17.85 -15.71
CA VAL F 293 21.11 -16.50 -15.90
C VAL F 293 20.56 -15.99 -14.57
N ASN F 294 19.78 -16.83 -13.89
CA ASN F 294 19.22 -16.40 -12.61
C ASN F 294 20.32 -15.96 -11.66
N PHE F 295 21.39 -16.75 -11.56
CA PHE F 295 22.49 -16.39 -10.68
C PHE F 295 22.99 -15.00 -11.00
N ILE F 296 23.24 -14.73 -12.28
CA ILE F 296 23.73 -13.42 -12.68
C ILE F 296 22.76 -12.35 -12.21
N LEU F 297 21.48 -12.53 -12.51
CA LEU F 297 20.48 -11.56 -12.10
C LEU F 297 20.54 -11.37 -10.59
N PHE F 298 20.62 -12.47 -9.85
CA PHE F 298 20.70 -12.40 -8.40
C PHE F 298 21.83 -11.47 -7.99
N ILE F 299 23.03 -11.70 -8.54
CA ILE F 299 24.17 -10.86 -8.20
C ILE F 299 23.85 -9.40 -8.48
N CYS F 300 23.31 -9.13 -9.67
CA CYS F 300 22.99 -7.76 -10.04
C CYS F 300 22.05 -7.14 -9.00
N ILE F 301 21.01 -7.88 -8.62
CA ILE F 301 20.05 -7.34 -7.66
C ILE F 301 20.77 -7.03 -6.35
N ILE F 302 21.64 -7.93 -5.90
CA ILE F 302 22.38 -7.68 -4.67
C ILE F 302 23.13 -6.36 -4.78
N ARG F 303 23.80 -6.14 -5.92
CA ARG F 303 24.53 -4.89 -6.11
C ARG F 303 23.60 -3.70 -5.96
N ILE F 304 22.42 -3.77 -6.59
CA ILE F 304 21.46 -2.67 -6.47
C ILE F 304 21.07 -2.49 -5.01
N LEU F 305 20.84 -3.60 -4.29
CA LEU F 305 20.53 -3.49 -2.88
C LEU F 305 21.70 -2.90 -2.11
N LEU F 306 22.93 -3.24 -2.49
CA LEU F 306 24.10 -2.64 -1.84
C LEU F 306 24.14 -1.14 -2.08
N GLN F 307 23.53 -0.66 -3.17
CA GLN F 307 23.49 0.77 -3.44
C GLN F 307 22.41 1.48 -2.65
N LYS F 308 21.59 0.75 -1.89
CA LYS F 308 20.51 1.34 -1.11
C LYS F 308 20.75 1.29 0.39
N LEU F 309 21.80 0.61 0.85
CA LEU F 309 22.13 0.58 2.27
C LEU F 309 23.37 1.40 2.60
N ARG F 310 24.22 1.67 1.61
CA ARG F 310 25.41 2.49 1.71
C ARG F 310 25.14 4.00 1.78
N PRO F 311 24.10 4.54 1.13
CA PRO F 311 23.88 6.00 1.15
C PRO F 311 23.82 6.59 2.56
N PRO F 312 23.28 5.86 3.58
CA PRO F 312 23.41 6.37 4.95
C PRO F 312 24.87 6.61 5.33
N ASP F 313 25.14 7.74 5.99
CA ASP F 313 26.50 8.20 6.22
C ASP F 313 27.16 7.36 7.31
N ILE F 314 28.38 7.78 7.68
CA ILE F 314 29.14 7.07 8.70
C ILE F 314 28.44 7.10 10.05
N ARG F 315 27.70 8.18 10.32
CA ARG F 315 27.00 8.29 11.59
C ARG F 315 25.93 7.21 11.74
N LYS F 316 25.19 6.94 10.67
CA LYS F 316 24.13 5.94 10.68
C LYS F 316 24.68 4.64 10.11
N SER F 317 24.87 3.64 10.98
CA SER F 317 25.49 2.38 10.57
C SER F 317 24.67 1.14 10.91
N ASP F 318 23.74 1.22 11.86
CA ASP F 318 22.97 0.05 12.33
C ASP F 318 23.89 -1.04 12.87
N SER F 319 25.08 -0.63 13.32
CA SER F 319 26.15 -1.48 13.86
C SER F 319 26.81 -2.30 12.76
N SER F 320 26.21 -2.30 11.56
CA SER F 320 26.79 -2.87 10.35
C SER F 320 25.91 -2.52 9.17
N PRO F 321 26.49 -2.11 8.03
CA PRO F 321 25.69 -1.93 6.81
C PRO F 321 25.33 -3.23 6.11
N TYR F 322 25.76 -4.37 6.62
CA TYR F 322 25.60 -5.65 5.94
C TYR F 322 24.62 -6.59 6.64
N SER F 323 24.21 -6.29 7.87
CA SER F 323 23.24 -7.13 8.55
C SER F 323 21.91 -7.16 7.81
N ARG F 324 21.45 -5.99 7.35
CA ARG F 324 20.24 -5.94 6.54
C ARG F 324 20.45 -6.61 5.19
N LEU F 325 21.65 -6.44 4.62
CA LEU F 325 21.96 -7.09 3.35
C LEU F 325 21.94 -8.60 3.47
N ALA F 326 22.49 -9.14 4.55
CA ALA F 326 22.55 -10.59 4.72
C ALA F 326 21.16 -11.20 4.84
N ARG F 327 20.28 -10.57 5.60
CA ARG F 327 18.92 -11.09 5.77
C ARG F 327 18.17 -11.08 4.45
N SER F 328 18.27 -9.99 3.69
CA SER F 328 17.61 -9.91 2.40
C SER F 328 18.15 -10.93 1.42
N THR F 329 19.48 -11.12 1.40
CA THR F 329 20.07 -12.14 0.56
C THR F 329 19.58 -13.54 0.94
N LEU F 330 19.51 -13.81 2.24
CA LEU F 330 19.06 -15.12 2.71
C LEU F 330 17.61 -15.37 2.32
N LEU F 331 16.75 -14.37 2.44
CA LEU F 331 15.36 -14.57 2.07
C LEU F 331 15.13 -14.50 0.56
N LEU F 332 16.09 -13.98 -0.21
CA LEU F 332 16.00 -14.03 -1.66
C LEU F 332 16.58 -15.30 -2.25
N ILE F 333 17.41 -16.02 -1.49
CA ILE F 333 17.96 -17.29 -1.99
C ILE F 333 16.87 -18.27 -2.42
N PRO F 334 15.84 -18.57 -1.62
CA PRO F 334 14.85 -19.56 -2.08
C PRO F 334 13.95 -19.05 -3.19
N LEU F 335 13.74 -17.72 -3.28
CA LEU F 335 12.77 -17.19 -4.29
C LEU F 335 13.27 -17.37 -5.72
N PHE F 336 14.56 -17.63 -5.90
CA PHE F 336 15.11 -17.69 -7.29
C PHE F 336 15.69 -19.07 -7.53
N GLY F 337 16.03 -19.76 -6.45
CA GLY F 337 16.71 -21.04 -6.64
C GLY F 337 18.19 -20.90 -6.88
N VAL F 338 18.85 -20.00 -6.13
CA VAL F 338 20.28 -19.79 -6.31
C VAL F 338 21.08 -21.01 -5.90
N HIS F 339 20.56 -21.80 -4.95
CA HIS F 339 21.29 -22.97 -4.48
C HIS F 339 21.59 -23.95 -5.61
N TYR F 340 20.77 -23.93 -6.67
CA TYR F 340 21.01 -24.81 -7.81
C TYR F 340 22.36 -24.56 -8.47
N ILE F 341 22.92 -23.36 -8.30
CA ILE F 341 24.23 -23.08 -8.87
C ILE F 341 25.34 -23.83 -8.16
N MET F 342 25.08 -24.35 -6.96
CA MET F 342 26.12 -25.05 -6.23
C MET F 342 26.56 -26.32 -6.95
N PHE F 343 25.60 -27.08 -7.49
CA PHE F 343 25.89 -28.32 -8.20
C PHE F 343 25.47 -28.26 -9.66
N ALA F 344 25.29 -27.05 -10.21
CA ALA F 344 24.84 -26.93 -11.58
C ALA F 344 25.87 -27.48 -12.57
N PHE F 345 27.15 -27.17 -12.35
CA PHE F 345 28.21 -27.54 -13.27
C PHE F 345 28.74 -28.95 -13.03
N PHE F 346 28.26 -29.65 -12.02
CA PHE F 346 28.73 -31.00 -11.74
C PHE F 346 28.28 -31.95 -12.84
N PRO F 347 29.18 -32.76 -13.41
CA PRO F 347 28.76 -33.77 -14.38
C PRO F 347 27.86 -34.81 -13.72
N ASP F 348 27.01 -35.43 -14.54
CA ASP F 348 26.04 -36.40 -14.01
C ASP F 348 26.74 -37.58 -13.35
N ASN F 349 27.91 -37.96 -13.83
CA ASN F 349 28.65 -39.11 -13.31
C ASN F 349 29.65 -38.74 -12.22
N PHE F 350 29.77 -37.45 -11.88
CA PHE F 350 30.74 -36.99 -10.88
C PHE F 350 30.03 -36.80 -9.55
N LYS F 351 30.30 -37.68 -8.59
CA LYS F 351 29.72 -37.63 -7.26
C LYS F 351 28.20 -37.47 -7.29
N PRO F 352 27.48 -38.41 -7.91
CA PRO F 352 26.02 -38.25 -8.03
C PRO F 352 25.29 -38.25 -6.70
N GLU F 353 25.78 -39.00 -5.71
CA GLU F 353 25.01 -39.18 -4.47
C GLU F 353 24.84 -37.87 -3.72
N VAL F 354 25.91 -37.07 -3.61
CA VAL F 354 25.84 -35.81 -2.87
C VAL F 354 24.91 -34.84 -3.59
N LYS F 355 25.03 -34.75 -4.91
CA LYS F 355 24.15 -33.85 -5.67
C LYS F 355 22.69 -34.25 -5.54
N MET F 356 22.41 -35.55 -5.66
CA MET F 356 21.02 -36.01 -5.52
C MET F 356 20.49 -35.71 -4.13
N VAL F 357 21.28 -36.00 -3.09
CA VAL F 357 20.83 -35.76 -1.72
C VAL F 357 20.52 -34.28 -1.52
N PHE F 358 21.44 -33.40 -1.92
CA PHE F 358 21.26 -31.98 -1.69
C PHE F 358 20.09 -31.43 -2.48
N GLU F 359 19.95 -31.83 -3.75
CA GLU F 359 18.94 -31.23 -4.61
C GLU F 359 17.58 -31.92 -4.52
N LEU F 360 17.47 -33.04 -3.80
CA LEU F 360 16.20 -33.73 -3.65
C LEU F 360 15.71 -33.70 -2.21
N VAL F 361 16.52 -34.16 -1.25
CA VAL F 361 16.09 -34.18 0.14
C VAL F 361 15.91 -32.76 0.67
N VAL F 362 16.80 -31.85 0.30
CA VAL F 362 16.71 -30.47 0.75
C VAL F 362 16.01 -29.59 -0.28
N GLY F 363 16.26 -29.83 -1.56
CA GLY F 363 15.68 -29.00 -2.60
C GLY F 363 14.16 -29.07 -2.68
N SER F 364 13.59 -30.25 -2.42
CA SER F 364 12.15 -30.41 -2.54
C SER F 364 11.38 -29.58 -1.53
N PHE F 365 12.01 -29.17 -0.43
CA PHE F 365 11.37 -28.29 0.54
C PHE F 365 11.37 -26.84 0.11
N GLN F 366 12.10 -26.49 -0.96
CA GLN F 366 12.26 -25.10 -1.35
C GLN F 366 10.93 -24.39 -1.49
N GLY F 367 10.02 -24.97 -2.29
CA GLY F 367 8.71 -24.36 -2.45
C GLY F 367 8.01 -24.14 -1.12
N PHE F 368 8.07 -25.14 -0.24
CA PHE F 368 7.51 -24.99 1.10
C PHE F 368 8.08 -23.75 1.77
N VAL F 369 9.41 -23.61 1.76
CA VAL F 369 10.04 -22.44 2.34
C VAL F 369 9.50 -21.18 1.68
N VAL F 370 9.43 -21.18 0.34
CA VAL F 370 8.87 -20.04 -0.36
C VAL F 370 7.44 -19.79 0.10
N ALA F 371 6.65 -20.88 0.22
CA ALA F 371 5.25 -20.74 0.60
C ALA F 371 5.11 -20.07 1.95
N ILE F 372 6.17 -20.08 2.77
CA ILE F 372 6.18 -19.27 3.97
C ILE F 372 6.67 -17.86 3.66
N LEU F 373 7.90 -17.76 3.14
CA LEU F 373 8.64 -16.50 3.19
C LEU F 373 7.96 -15.39 2.40
N TYR F 374 7.04 -15.75 1.50
CA TYR F 374 6.37 -14.73 0.64
C TYR F 374 4.85 -14.82 0.76
N CYS F 375 4.33 -15.74 1.58
CA CYS F 375 2.89 -15.80 1.81
C CYS F 375 2.51 -15.65 3.27
N PHE F 376 3.07 -16.47 4.15
CA PHE F 376 2.68 -16.46 5.55
C PHE F 376 3.41 -15.41 6.37
N LEU F 377 4.65 -15.08 5.98
CA LEU F 377 5.42 -14.05 6.67
C LEU F 377 5.32 -12.69 5.99
N ASN F 378 4.56 -12.58 4.90
CA ASN F 378 4.39 -11.29 4.24
C ASN F 378 3.56 -10.36 5.11
N GLY F 379 3.99 -9.09 5.16
CA GLY F 379 3.29 -8.13 6.01
C GLY F 379 1.86 -7.88 5.55
N GLU F 380 1.68 -7.65 4.25
CA GLU F 380 0.35 -7.35 3.72
C GLU F 380 -0.60 -8.54 3.90
N VAL F 381 -0.11 -9.75 3.62
CA VAL F 381 -0.95 -10.94 3.74
C VAL F 381 -1.34 -11.15 5.19
N GLN F 382 -0.39 -11.00 6.12
CA GLN F 382 -0.70 -11.16 7.54
C GLN F 382 -1.69 -10.11 8.00
N ALA F 383 -1.51 -8.86 7.57
CA ALA F 383 -2.43 -7.79 7.96
C ALA F 383 -3.84 -8.07 7.46
N GLU F 384 -3.97 -8.48 6.20
CA GLU F 384 -5.29 -8.79 5.67
C GLU F 384 -5.91 -9.99 6.38
N LEU F 385 -5.10 -11.01 6.67
CA LEU F 385 -5.61 -12.19 7.36
C LEU F 385 -6.13 -11.84 8.75
N ARG F 386 -5.37 -11.04 9.49
CA ARG F 386 -5.82 -10.67 10.83
C ARG F 386 -7.01 -9.73 10.79
N ARG F 387 -7.08 -8.84 9.79
CA ARG F 387 -8.25 -7.98 9.64
C ARG F 387 -9.50 -8.81 9.35
N LYS F 388 -9.39 -9.79 8.45
CA LYS F 388 -10.53 -10.66 8.15
C LYS F 388 -10.92 -11.51 9.35
N TRP F 389 -9.93 -11.99 10.11
CA TRP F 389 -10.24 -12.75 11.32
C TRP F 389 -10.96 -11.89 12.35
N ARG F 390 -10.52 -10.65 12.53
CA ARG F 390 -11.20 -9.74 13.46
C ARG F 390 -12.62 -9.45 12.99
N ARG F 391 -12.81 -9.25 11.68
CA ARG F 391 -14.14 -9.01 11.16
C ARG F 391 -15.05 -10.22 11.36
N TRP F 392 -14.52 -11.42 11.12
CA TRP F 392 -15.30 -12.63 11.32
C TRP F 392 -15.60 -12.87 12.79
N HIS F 393 -14.61 -12.64 13.66
CA HIS F 393 -14.77 -12.88 15.09
C HIS F 393 -15.61 -11.78 15.73
#